data_5KGA
#
_entry.id   5KGA
#
_cell.length_a   63.000
_cell.length_b   65.600
_cell.length_c   89.900
_cell.angle_alpha   90.00
_cell.angle_beta   107.00
_cell.angle_gamma   90.00
#
_symmetry.space_group_name_H-M   'P 1 21 1'
#
loop_
_entity.id
_entity.type
_entity.pdbx_description
1 polymer 'Predicted acetyltransferase'
2 non-polymer 2-acetamido-2-deoxy-beta-D-glucopyranose
3 non-polymer 'COENZYME A'
4 non-polymer 'ACETYL COENZYME *A'
5 non-polymer 1,2-ETHANEDIOL
6 non-polymer 'CHLORIDE ION'
7 non-polymer 'TETRAMETHYLAMMONIUM ION'
8 water water
#
_entity_poly.entity_id   1
_entity_poly.type   'polypeptide(L)'
_entity_poly.pdbx_seq_one_letter_code
;MEIKETYDFSSIVDLWNKNIGTVYPMNLELFKQNYINDRQRKKIMGAFNGEILIGFVIYKQWTYKSGSLKPNHKIGYINS
IIVDINFRHQGIGTKLLDAAEEELINSGVKILRCGSDTYHFFPGIPLECLPSEEFFLVRGYKMQDYFYDLIGDVSKVDFK
KPSIKDGFKVNVMKPEDRKGLFEFLEKSFSGRWLEEFIEFFQVGMKERDIVLIKYKTSVIGFSHIYDNKSSFIGPPIYWK
ALLGHNYGGLGPIGIDKTYRKQGLGRLLLYESLQILKKREVKKMVINWTEKDIINFYGRFNFMPWKAYRKATKEVKDGKG
GGHHHHHH
;
_entity_poly.pdbx_strand_id   A,B
#
loop_
_chem_comp.id
_chem_comp.type
_chem_comp.name
_chem_comp.formula
ACO non-polymer 'ACETYL COENZYME *A' 'C23 H38 N7 O17 P3 S'
CL non-polymer 'CHLORIDE ION' 'Cl -1'
COA non-polymer 'COENZYME A' 'C21 H36 N7 O16 P3 S'
EDO non-polymer 1,2-ETHANEDIOL 'C2 H6 O2'
NAG D-saccharide, beta linking 2-acetamido-2-deoxy-beta-D-glucopyranose 'C8 H15 N O6'
TMA non-polymer 'TETRAMETHYLAMMONIUM ION' 'C4 H12 N 1'
#
# COMPACT_ATOMS: atom_id res chain seq x y z
N MET A 1 -5.17 28.48 -20.66
CA MET A 1 -4.36 27.51 -19.88
C MET A 1 -2.96 27.64 -20.47
N GLU A 2 -1.97 28.01 -19.68
CA GLU A 2 -0.59 28.16 -20.17
C GLU A 2 0.33 27.09 -19.57
N ILE A 3 1.24 26.58 -20.41
CA ILE A 3 2.29 25.66 -19.99
C ILE A 3 3.58 26.48 -19.88
N LYS A 4 4.09 26.64 -18.67
CA LYS A 4 5.37 27.28 -18.53
C LYS A 4 6.15 26.86 -17.31
N GLU A 5 7.43 27.24 -17.30
CA GLU A 5 8.32 26.82 -16.25
C GLU A 5 7.90 27.51 -14.96
N THR A 6 7.98 26.74 -13.89
CA THR A 6 7.46 27.19 -12.60
C THR A 6 8.53 27.06 -11.53
N TYR A 7 8.54 28.05 -10.64
CA TYR A 7 9.53 28.20 -9.58
C TYR A 7 8.99 28.08 -8.18
N ASP A 8 7.67 28.19 -7.99
CA ASP A 8 7.15 28.26 -6.64
C ASP A 8 6.99 26.84 -6.07
N PHE A 9 7.97 26.40 -5.31
CA PHE A 9 7.98 25.04 -4.74
C PHE A 9 6.82 24.79 -3.76
N SER A 10 6.40 25.83 -3.04
CA SER A 10 5.28 25.71 -2.11
C SER A 10 3.94 25.42 -2.77
N SER A 11 3.66 26.08 -3.88
CA SER A 11 2.48 25.76 -4.70
C SER A 11 2.52 24.32 -5.24
N ILE A 12 3.70 23.83 -5.61
CA ILE A 12 3.87 22.48 -6.11
C ILE A 12 3.56 21.50 -4.96
N VAL A 13 4.14 21.79 -3.81
CA VAL A 13 3.99 20.95 -2.61
C VAL A 13 2.53 20.87 -2.22
N ASP A 14 1.81 22.00 -2.23
CA ASP A 14 0.36 21.97 -1.93
C ASP A 14 -0.44 21.17 -2.92
N LEU A 15 -0.16 21.32 -4.21
CA LEU A 15 -0.90 20.56 -5.21
C LEU A 15 -0.61 19.07 -5.04
N TRP A 16 0.66 18.74 -4.82
CA TRP A 16 1.06 17.37 -4.51
C TRP A 16 0.19 16.84 -3.35
N ASN A 17 0.19 17.54 -2.24
CA ASN A 17 -0.50 17.04 -1.05
C ASN A 17 -2.00 16.95 -1.23
N LYS A 18 -2.58 17.96 -1.84
CA LYS A 18 -4.01 17.92 -2.16
C LYS A 18 -4.43 16.68 -2.95
N ASN A 19 -3.61 16.29 -3.92
CA ASN A 19 -3.91 15.20 -4.83
C ASN A 19 -3.46 13.82 -4.36
N ILE A 20 -2.23 13.70 -3.83
CA ILE A 20 -1.74 12.41 -3.39
C ILE A 20 -1.18 12.33 -1.97
N GLY A 21 -1.35 13.41 -1.19
CA GLY A 21 -0.79 13.54 0.14
C GLY A 21 -1.16 12.49 1.17
N THR A 22 -2.28 11.79 1.00
CA THR A 22 -2.68 10.73 1.93
C THR A 22 -1.67 9.60 1.92
N VAL A 23 -1.12 9.35 0.73
CA VAL A 23 -0.22 8.20 0.51
C VAL A 23 1.25 8.59 0.27
N TYR A 24 1.47 9.83 -0.16
CA TYR A 24 2.81 10.35 -0.38
C TYR A 24 2.86 11.77 0.18
N PRO A 25 2.87 11.86 1.53
CA PRO A 25 2.80 13.18 2.12
C PRO A 25 4.12 13.90 1.87
N MET A 26 4.03 15.05 1.21
CA MET A 26 5.18 15.89 0.89
C MET A 26 5.33 17.03 1.89
N ASN A 27 6.55 17.50 2.12
CA ASN A 27 6.75 18.81 2.74
CA ASN A 27 6.70 18.84 2.69
C ASN A 27 7.75 19.59 1.92
N LEU A 28 7.80 20.89 2.18
CA LEU A 28 8.71 21.77 1.51
C LEU A 28 10.19 21.37 1.74
N GLU A 29 10.54 20.98 2.97
CA GLU A 29 11.91 20.57 3.30
C GLU A 29 12.35 19.40 2.43
N LEU A 30 11.54 18.35 2.35
CA LEU A 30 11.83 17.21 1.50
C LEU A 30 11.90 17.64 0.05
N PHE A 31 10.92 18.44 -0.38
CA PHE A 31 10.85 18.85 -1.78
C PHE A 31 12.11 19.63 -2.15
N LYS A 32 12.45 20.64 -1.35
CA LYS A 32 13.65 21.42 -1.62
C LYS A 32 14.90 20.60 -1.60
N GLN A 33 15.06 19.73 -0.62
CA GLN A 33 16.26 18.87 -0.51
C GLN A 33 16.49 18.10 -1.79
N ASN A 34 15.46 17.43 -2.26
CA ASN A 34 15.55 16.57 -3.43
C ASN A 34 15.65 17.32 -4.74
N TYR A 35 14.90 18.41 -4.90
CA TYR A 35 14.98 19.15 -6.15
C TYR A 35 16.26 19.98 -6.23
N ILE A 36 16.56 20.75 -5.19
CA ILE A 36 17.72 21.65 -5.22
C ILE A 36 19.02 20.88 -5.36
N ASN A 37 19.22 19.80 -4.62
CA ASN A 37 20.51 19.10 -4.63
C ASN A 37 20.73 18.22 -5.83
N ASP A 38 19.69 17.94 -6.63
CA ASP A 38 19.88 17.13 -7.80
C ASP A 38 20.80 17.85 -8.76
N ARG A 39 21.70 17.05 -9.35
CA ARG A 39 22.77 17.56 -10.17
C ARG A 39 22.57 17.36 -11.67
N GLN A 40 21.45 16.77 -12.06
CA GLN A 40 21.20 16.51 -13.48
C GLN A 40 20.61 17.76 -14.10
N ARG A 41 20.53 17.76 -15.42
CA ARG A 41 19.77 18.79 -16.09
C ARG A 41 18.28 18.53 -15.73
N LYS A 42 17.61 19.50 -15.13
CA LYS A 42 16.33 19.27 -14.46
C LYS A 42 15.45 20.47 -14.72
N LYS A 43 14.15 20.24 -14.68
CA LYS A 43 13.18 21.31 -14.89
C LYS A 43 11.81 20.93 -14.33
N ILE A 44 11.05 21.95 -13.92
CA ILE A 44 9.67 21.78 -13.58
C ILE A 44 8.85 22.65 -14.52
N MET A 45 7.95 22.01 -15.25
CA MET A 45 7.03 22.69 -16.14
C MET A 45 5.67 22.68 -15.49
N GLY A 46 5.05 23.85 -15.40
CA GLY A 46 3.74 24.01 -14.75
C GLY A 46 2.65 24.23 -15.77
N ALA A 47 1.43 23.85 -15.39
CA ALA A 47 0.24 24.18 -16.16
C ALA A 47 -0.53 25.16 -15.28
N PHE A 48 -0.95 26.28 -15.87
CA PHE A 48 -1.59 27.38 -15.17
C PHE A 48 -2.92 27.77 -15.76
N ASN A 49 -3.84 28.02 -14.82
CA ASN A 49 -5.07 28.79 -14.99
CA ASN A 49 -5.00 28.84 -15.11
C ASN A 49 -4.84 30.21 -14.48
N GLY A 50 -4.54 31.18 -15.35
CA GLY A 50 -4.08 32.50 -14.89
C GLY A 50 -2.84 32.37 -14.03
N GLU A 51 -2.95 32.82 -12.78
CA GLU A 51 -1.87 32.73 -11.81
C GLU A 51 -1.83 31.37 -11.14
N ILE A 52 -2.88 30.55 -11.29
CA ILE A 52 -3.05 29.33 -10.51
C ILE A 52 -2.43 28.08 -11.16
N LEU A 53 -1.45 27.52 -10.47
CA LEU A 53 -0.89 26.21 -10.83
C LEU A 53 -1.97 25.16 -10.76
N ILE A 54 -2.21 24.51 -11.88
CA ILE A 54 -3.14 23.37 -11.92
C ILE A 54 -2.49 22.03 -12.27
N GLY A 55 -1.20 22.02 -12.57
CA GLY A 55 -0.51 20.75 -12.82
C GLY A 55 0.96 21.02 -12.99
N PHE A 56 1.75 19.97 -12.93
CA PHE A 56 3.18 20.10 -13.11
C PHE A 56 3.77 18.77 -13.48
N VAL A 57 4.95 18.87 -14.09
CA VAL A 57 5.80 17.72 -14.38
C VAL A 57 7.24 18.15 -14.07
N ILE A 58 7.96 17.26 -13.38
CA ILE A 58 9.38 17.38 -13.05
C ILE A 58 10.12 16.34 -13.88
N TYR A 59 11.16 16.78 -14.56
CA TYR A 59 11.82 15.92 -15.52
C TYR A 59 13.30 16.24 -15.60
N LYS A 60 14.06 15.19 -15.89
CA LYS A 60 15.52 15.23 -15.85
C LYS A 60 16.11 14.44 -16.98
N GLN A 61 17.34 14.84 -17.34
CA GLN A 61 18.21 14.08 -18.22
C GLN A 61 19.47 13.73 -17.44
N TRP A 62 19.93 12.50 -17.66
CA TRP A 62 21.19 12.03 -17.05
C TRP A 62 22.35 12.75 -17.77
N THR A 63 22.83 13.79 -17.09
CA THR A 63 23.90 14.66 -17.54
C THR A 63 25.05 14.75 -16.55
N TYR A 64 24.89 14.30 -15.30
CA TYR A 64 25.95 14.39 -14.28
C TYR A 64 26.56 12.99 -13.99
N LYS A 65 27.87 12.90 -13.82
CA LYS A 65 28.50 11.63 -13.51
C LYS A 65 27.89 10.87 -12.30
N SER A 66 28.07 9.55 -12.30
CA SER A 66 27.61 8.70 -11.21
C SER A 66 28.78 7.89 -10.68
N GLY A 67 29.52 8.48 -9.74
CA GLY A 67 30.71 7.83 -9.20
C GLY A 67 31.77 7.83 -10.29
N SER A 68 32.18 6.65 -10.73
CA SER A 68 33.15 6.55 -11.80
C SER A 68 32.45 6.44 -13.18
N LEU A 69 31.13 6.43 -13.21
CA LEU A 69 30.42 6.33 -14.48
C LEU A 69 30.13 7.72 -15.06
N LYS A 70 30.41 7.86 -16.34
CA LYS A 70 29.95 9.00 -17.10
C LYS A 70 28.42 8.93 -17.17
N PRO A 71 27.76 10.10 -17.33
CA PRO A 71 26.34 10.07 -17.58
C PRO A 71 26.02 9.43 -18.92
N ASN A 72 24.91 8.72 -18.99
CA ASN A 72 24.35 8.29 -20.26
C ASN A 72 23.20 9.22 -20.62
N HIS A 73 23.53 10.18 -21.50
CA HIS A 73 22.62 11.21 -21.96
C HIS A 73 21.41 10.68 -22.73
N LYS A 74 21.43 9.40 -23.11
CA LYS A 74 20.27 8.75 -23.67
C LYS A 74 19.14 8.48 -22.70
N ILE A 75 19.41 8.56 -21.39
CA ILE A 75 18.39 8.30 -20.39
C ILE A 75 17.76 9.60 -19.87
N GLY A 76 16.43 9.65 -19.94
CA GLY A 76 15.63 10.70 -19.31
C GLY A 76 14.67 10.13 -18.27
N TYR A 77 14.15 11.04 -17.43
CA TYR A 77 13.36 10.67 -16.27
C TYR A 77 12.18 11.61 -16.11
N ILE A 78 11.02 11.01 -15.94
CA ILE A 78 9.84 11.71 -15.41
C ILE A 78 9.89 11.47 -13.89
N ASN A 79 10.29 12.51 -13.15
CA ASN A 79 10.44 12.44 -11.69
C ASN A 79 9.04 12.31 -11.10
N SER A 80 8.12 13.09 -11.65
CA SER A 80 6.75 13.15 -11.15
C SER A 80 5.91 13.97 -12.10
N ILE A 81 4.62 13.65 -12.13
CA ILE A 81 3.67 14.46 -12.88
C ILE A 81 2.33 14.32 -12.14
N ILE A 82 1.74 15.47 -11.87
CA ILE A 82 0.41 15.54 -11.24
C ILE A 82 -0.40 16.64 -11.87
N VAL A 83 -1.64 16.31 -12.22
CA VAL A 83 -2.60 17.32 -12.63
C VAL A 83 -3.63 17.39 -11.50
N ASP A 84 -4.02 18.60 -11.12
CA ASP A 84 -5.00 18.74 -10.05
C ASP A 84 -6.30 18.04 -10.41
N ILE A 85 -6.89 17.42 -9.39
CA ILE A 85 -8.09 16.62 -9.48
C ILE A 85 -9.26 17.35 -10.15
N ASN A 86 -9.38 18.66 -9.98
CA ASN A 86 -10.47 19.37 -10.67
C ASN A 86 -10.20 19.75 -12.13
N PHE A 87 -9.06 19.34 -12.68
CA PHE A 87 -8.65 19.67 -14.06
C PHE A 87 -8.17 18.49 -14.87
N ARG A 88 -8.48 17.29 -14.39
CA ARG A 88 -8.23 16.04 -15.14
C ARG A 88 -9.06 15.90 -16.41
N HIS A 89 -8.56 15.10 -17.34
CA HIS A 89 -9.28 14.78 -18.57
C HIS A 89 -9.64 16.04 -19.34
N GLN A 90 -8.71 16.99 -19.35
CA GLN A 90 -8.76 18.17 -20.26
C GLN A 90 -7.55 18.25 -21.19
N GLY A 91 -6.76 17.19 -21.25
CA GLY A 91 -5.51 17.17 -21.99
C GLY A 91 -4.30 17.86 -21.38
N ILE A 92 -4.38 18.23 -20.11
CA ILE A 92 -3.28 18.93 -19.50
C ILE A 92 -2.07 18.03 -19.27
N GLY A 93 -2.29 16.83 -18.72
CA GLY A 93 -1.17 15.91 -18.53
C GLY A 93 -0.46 15.60 -19.81
N THR A 94 -1.24 15.33 -20.85
CA THR A 94 -0.73 15.09 -22.18
C THR A 94 0.14 16.27 -22.61
N LYS A 95 -0.36 17.48 -22.42
CA LYS A 95 0.38 18.66 -22.83
C LYS A 95 1.67 18.74 -22.06
N LEU A 96 1.58 18.56 -20.74
CA LEU A 96 2.77 18.64 -19.91
C LEU A 96 3.82 17.60 -20.31
N LEU A 97 3.38 16.38 -20.62
CA LEU A 97 4.34 15.33 -20.89
C LEU A 97 4.91 15.51 -22.27
N ASP A 98 4.07 15.94 -23.20
CA ASP A 98 4.52 16.26 -24.55
C ASP A 98 5.64 17.28 -24.52
N ALA A 99 5.50 18.33 -23.73
CA ALA A 99 6.57 19.31 -23.61
C ALA A 99 7.86 18.75 -23.00
N ALA A 100 7.70 17.95 -21.95
CA ALA A 100 8.87 17.42 -21.25
C ALA A 100 9.62 16.48 -22.19
N GLU A 101 8.86 15.54 -22.76
CA GLU A 101 9.46 14.57 -23.63
C GLU A 101 10.08 15.25 -24.85
N GLU A 102 9.43 16.25 -25.43
CA GLU A 102 9.99 16.92 -26.62
C GLU A 102 11.36 17.53 -26.30
N GLU A 103 11.45 18.23 -25.16
CA GLU A 103 12.69 18.84 -24.70
C GLU A 103 13.80 17.82 -24.41
N LEU A 104 13.44 16.74 -23.74
CA LEU A 104 14.38 15.66 -23.49
C LEU A 104 14.90 15.01 -24.77
N ILE A 105 13.98 14.66 -25.66
CA ILE A 105 14.29 14.06 -26.95
C ILE A 105 15.21 14.97 -27.72
N ASN A 106 14.92 16.28 -27.74
CA ASN A 106 15.77 17.19 -28.46
C ASN A 106 17.19 17.32 -27.92
N SER A 107 17.41 17.00 -26.63
CA SER A 107 18.77 17.05 -26.10
CA SER A 107 18.73 17.04 -26.01
C SER A 107 19.40 15.67 -26.01
N GLY A 108 18.81 14.71 -26.73
CA GLY A 108 19.41 13.41 -27.01
C GLY A 108 18.86 12.20 -26.28
N VAL A 109 17.76 12.38 -25.53
CA VAL A 109 17.24 11.28 -24.73
C VAL A 109 16.59 10.29 -25.67
N LYS A 110 16.88 9.01 -25.48
CA LYS A 110 16.20 7.96 -26.24
C LYS A 110 15.40 6.97 -25.41
N ILE A 111 15.57 7.00 -24.09
CA ILE A 111 14.94 6.06 -23.16
C ILE A 111 14.40 6.91 -22.00
N LEU A 112 13.08 6.90 -21.85
CA LEU A 112 12.42 7.73 -20.84
C LEU A 112 11.89 6.85 -19.70
N ARG A 113 12.27 7.16 -18.48
CA ARG A 113 11.98 6.28 -17.32
C ARG A 113 10.95 6.94 -16.41
N CYS A 114 10.01 6.15 -15.89
CA CYS A 114 9.14 6.66 -14.86
C CYS A 114 9.81 6.51 -13.53
N GLY A 115 10.18 7.64 -12.94
CA GLY A 115 10.89 7.62 -11.66
C GLY A 115 12.29 7.06 -11.79
N SER A 116 12.85 6.72 -10.66
CA SER A 116 14.14 6.05 -10.56
C SER A 116 15.30 7.02 -10.81
N ASP A 117 15.00 8.31 -10.95
CA ASP A 117 16.02 9.34 -11.06
C ASP A 117 16.84 9.46 -9.76
N THR A 118 17.94 10.19 -9.85
CA THR A 118 18.63 10.64 -8.65
C THR A 118 17.67 11.55 -7.90
N TYR A 119 17.76 11.49 -6.57
CA TYR A 119 16.82 12.25 -5.72
C TYR A 119 15.38 12.01 -6.14
N HIS A 120 15.07 10.76 -6.48
CA HIS A 120 13.72 10.39 -6.87
C HIS A 120 12.79 10.63 -5.69
N PHE A 121 11.52 10.75 -6.06
CA PHE A 121 10.42 10.53 -5.14
C PHE A 121 9.89 9.12 -5.29
N PHE A 122 10.00 8.54 -6.49
CA PHE A 122 9.48 7.20 -6.75
C PHE A 122 10.44 6.36 -7.59
N PRO A 123 10.56 5.05 -7.27
CA PRO A 123 11.33 4.14 -8.09
C PRO A 123 10.61 3.73 -9.37
N GLY A 124 9.31 3.94 -9.43
CA GLY A 124 8.50 3.56 -10.56
C GLY A 124 7.12 4.16 -10.30
N ILE A 125 6.14 3.76 -11.09
CA ILE A 125 4.76 4.21 -10.94
C ILE A 125 4.17 3.57 -9.66
N PRO A 126 3.91 4.38 -8.63
CA PRO A 126 3.38 3.80 -7.40
C PRO A 126 2.06 3.06 -7.68
N LEU A 127 1.82 1.98 -6.96
CA LEU A 127 0.52 1.27 -7.05
C LEU A 127 -0.67 2.18 -6.75
N GLU A 128 -0.46 3.16 -5.86
CA GLU A 128 -1.49 4.15 -5.55
C GLU A 128 -1.87 5.03 -6.76
N CYS A 129 -1.02 4.98 -7.78
CA CYS A 129 -1.22 5.70 -9.05
C CYS A 129 -1.39 4.71 -10.17
N LEU A 130 -1.86 3.51 -9.83
CA LEU A 130 -2.12 2.47 -10.83
C LEU A 130 -2.90 2.98 -12.03
N PRO A 131 -3.91 3.84 -11.81
CA PRO A 131 -4.63 4.31 -13.00
C PRO A 131 -3.79 5.05 -14.06
N SER A 132 -2.70 5.71 -13.63
CA SER A 132 -1.78 6.38 -14.52
C SER A 132 -0.98 5.41 -15.37
N GLU A 133 -0.95 4.14 -15.00
CA GLU A 133 -0.29 3.15 -15.86
C GLU A 133 -0.85 3.21 -17.28
N GLU A 134 -2.17 3.40 -17.40
CA GLU A 134 -2.83 3.39 -18.67
C GLU A 134 -2.42 4.60 -19.48
N PHE A 135 -2.35 5.77 -18.83
CA PHE A 135 -1.86 7.03 -19.41
C PHE A 135 -0.46 6.86 -20.03
N PHE A 136 0.43 6.20 -19.28
CA PHE A 136 1.82 5.95 -19.69
C PHE A 136 1.88 4.91 -20.79
N LEU A 137 1.07 3.85 -20.68
CA LEU A 137 0.89 2.86 -21.78
C LEU A 137 0.54 3.49 -23.10
N VAL A 138 -0.45 4.35 -23.12
CA VAL A 138 -0.86 4.96 -24.38
C VAL A 138 0.22 5.81 -25.03
N ARG A 139 1.08 6.38 -24.21
CA ARG A 139 2.19 7.17 -24.68
C ARG A 139 3.41 6.34 -25.10
N GLY A 140 3.36 5.02 -25.01
CA GLY A 140 4.44 4.15 -25.41
C GLY A 140 5.37 3.70 -24.29
N TYR A 141 5.03 3.94 -23.02
CA TYR A 141 5.80 3.35 -21.91
C TYR A 141 5.47 1.87 -21.74
N LYS A 142 6.46 0.99 -21.67
CA LYS A 142 6.20 -0.42 -21.41
C LYS A 142 6.21 -0.61 -19.91
N MET A 143 5.19 -1.31 -19.40
CA MET A 143 5.05 -1.62 -17.99
C MET A 143 5.85 -2.89 -17.74
N GLN A 144 6.80 -2.82 -16.83
CA GLN A 144 7.76 -3.89 -16.61
C GLN A 144 7.54 -4.47 -15.21
N ASP A 145 8.63 -4.70 -14.47
CA ASP A 145 8.63 -5.41 -13.20
C ASP A 145 8.33 -4.46 -12.03
N TYR A 146 8.27 -4.96 -10.79
CA TYR A 146 7.93 -4.14 -9.63
C TYR A 146 9.09 -4.03 -8.65
N PHE A 147 9.17 -2.89 -7.97
CA PHE A 147 10.01 -2.71 -6.82
C PHE A 147 9.13 -2.45 -5.60
N TYR A 148 9.68 -2.65 -4.42
CA TYR A 148 8.89 -2.56 -3.19
C TYR A 148 9.62 -1.84 -2.07
N ASP A 149 8.94 -0.93 -1.37
CA ASP A 149 9.39 -0.52 -0.06
C ASP A 149 8.78 -1.46 0.97
N LEU A 150 9.58 -1.85 1.95
CA LEU A 150 9.14 -2.77 2.99
C LEU A 150 9.03 -1.98 4.30
N ILE A 151 8.17 -2.43 5.21
CA ILE A 151 7.98 -1.80 6.50
C ILE A 151 8.02 -2.87 7.59
N GLY A 152 8.45 -2.42 8.76
CA GLY A 152 8.57 -3.27 9.93
C GLY A 152 8.65 -2.41 11.16
N ASP A 153 8.18 -2.97 12.28
CA ASP A 153 8.24 -2.25 13.56
C ASP A 153 9.25 -2.99 14.40
N VAL A 154 10.45 -2.43 14.37
CA VAL A 154 11.64 -3.09 14.89
C VAL A 154 11.61 -3.16 16.44
N SER A 155 10.72 -2.39 17.09
CA SER A 155 10.44 -2.54 18.52
C SER A 155 9.59 -3.77 18.89
N LYS A 156 8.93 -4.41 17.94
CA LYS A 156 7.99 -5.46 18.30
C LYS A 156 8.63 -6.83 18.35
N VAL A 157 9.86 -6.97 17.88
CA VAL A 157 10.44 -8.30 17.72
C VAL A 157 11.93 -8.36 18.11
N ASP A 158 12.36 -9.55 18.52
CA ASP A 158 13.74 -9.83 18.88
C ASP A 158 14.18 -10.98 17.97
N PHE A 159 15.43 -10.98 17.51
CA PHE A 159 15.98 -12.16 16.77
C PHE A 159 17.29 -12.68 17.31
N LYS A 160 17.57 -13.97 17.09
CA LYS A 160 18.83 -14.53 17.58
C LYS A 160 19.90 -14.07 16.61
N LYS A 161 21.04 -13.67 17.15
CA LYS A 161 22.23 -13.31 16.37
C LYS A 161 22.51 -14.42 15.36
N PRO A 162 22.77 -14.06 14.09
CA PRO A 162 23.20 -15.06 13.10
C PRO A 162 24.60 -15.50 13.43
N SER A 163 25.02 -16.69 13.01
CA SER A 163 26.34 -17.18 13.44
C SER A 163 27.41 -16.38 12.72
N ILE A 164 28.53 -16.16 13.39
CA ILE A 164 29.54 -15.20 12.94
C ILE A 164 30.91 -15.88 12.83
N LYS A 165 31.36 -16.00 11.58
CA LYS A 165 32.74 -16.38 11.28
C LYS A 165 33.69 -15.34 11.86
N ASP A 166 34.78 -15.85 12.42
CA ASP A 166 35.73 -15.00 13.14
C ASP A 166 36.45 -14.09 12.16
N GLY A 167 36.79 -12.88 12.61
CA GLY A 167 37.44 -11.85 11.80
C GLY A 167 36.50 -10.75 11.40
N PHE A 168 35.23 -11.09 11.22
CA PHE A 168 34.23 -10.09 10.85
C PHE A 168 33.69 -9.37 12.05
N LYS A 169 33.50 -8.07 11.89
CA LYS A 169 32.94 -7.26 12.94
C LYS A 169 32.16 -6.09 12.32
N VAL A 170 31.09 -5.69 12.98
CA VAL A 170 30.25 -4.61 12.48
C VAL A 170 30.35 -3.46 13.43
N ASN A 171 30.43 -2.25 12.89
CA ASN A 171 30.35 -1.10 13.77
C ASN A 171 29.84 0.11 13.04
N VAL A 172 29.27 1.01 13.83
CA VAL A 172 28.82 2.30 13.32
C VAL A 172 30.08 3.00 12.84
N MET A 173 29.94 3.73 11.75
CA MET A 173 31.07 4.34 11.11
C MET A 173 31.64 5.43 12.03
N LYS A 174 32.96 5.52 12.01
CA LYS A 174 33.71 6.58 12.66
C LYS A 174 34.38 7.48 11.64
N PRO A 175 34.76 8.71 12.04
CA PRO A 175 35.35 9.61 11.07
C PRO A 175 36.55 9.04 10.34
N GLU A 176 37.40 8.30 11.04
CA GLU A 176 38.57 7.63 10.44
C GLU A 176 38.26 6.44 9.51
N ASP A 177 37.02 6.01 9.46
CA ASP A 177 36.59 5.03 8.45
C ASP A 177 36.38 5.63 7.06
N ARG A 178 36.43 6.95 6.92
CA ARG A 178 35.99 7.58 5.68
C ARG A 178 36.79 7.10 4.49
N LYS A 179 38.11 7.05 4.63
CA LYS A 179 38.97 6.62 3.53
C LYS A 179 38.77 5.16 3.17
N GLY A 180 38.69 4.29 4.17
CA GLY A 180 38.39 2.88 3.94
C GLY A 180 37.03 2.66 3.29
N LEU A 181 36.04 3.45 3.70
CA LEU A 181 34.72 3.41 3.10
C LEU A 181 34.81 3.76 1.60
N PHE A 182 35.40 4.90 1.27
CA PHE A 182 35.53 5.30 -0.14
C PHE A 182 36.36 4.35 -1.00
N GLU A 183 37.44 3.79 -0.46
CA GLU A 183 38.16 2.78 -1.23
C GLU A 183 37.27 1.60 -1.55
N PHE A 184 36.45 1.20 -0.59
CA PHE A 184 35.57 0.05 -0.76
C PHE A 184 34.49 0.35 -1.78
N LEU A 185 33.89 1.54 -1.71
CA LEU A 185 32.85 1.86 -2.70
C LEU A 185 33.45 1.92 -4.12
N GLU A 186 34.59 2.59 -4.27
CA GLU A 186 35.33 2.59 -5.54
C GLU A 186 35.57 1.20 -6.11
N LYS A 187 35.81 0.22 -5.25
CA LYS A 187 35.99 -1.15 -5.67
C LYS A 187 34.69 -1.86 -5.98
N SER A 188 33.66 -1.74 -5.12
CA SER A 188 32.50 -2.64 -5.22
C SER A 188 31.20 -1.99 -5.68
N PHE A 189 31.09 -0.68 -5.46
CA PHE A 189 29.87 0.07 -5.80
C PHE A 189 30.22 1.42 -6.39
N SER A 190 31.02 1.44 -7.46
CA SER A 190 31.58 2.69 -7.93
C SER A 190 30.64 3.54 -8.78
N GLY A 191 29.40 3.12 -9.01
CA GLY A 191 28.41 3.97 -9.65
C GLY A 191 27.52 4.75 -8.68
N ARG A 192 26.24 4.42 -8.65
CA ARG A 192 25.26 5.26 -7.97
C ARG A 192 25.54 5.43 -6.49
N TRP A 193 25.96 4.35 -5.84
CA TRP A 193 26.07 4.39 -4.37
C TRP A 193 27.29 5.20 -3.98
N LEU A 194 28.37 5.06 -4.74
CA LEU A 194 29.54 5.93 -4.51
C LEU A 194 29.11 7.39 -4.65
N GLU A 195 28.34 7.68 -5.69
CA GLU A 195 27.87 9.05 -5.89
C GLU A 195 26.97 9.58 -4.78
N GLU A 196 26.08 8.73 -4.27
CA GLU A 196 25.21 9.11 -3.16
C GLU A 196 26.12 9.44 -1.97
N PHE A 197 27.05 8.54 -1.67
CA PHE A 197 27.97 8.83 -0.59
C PHE A 197 28.70 10.15 -0.73
N ILE A 198 29.19 10.43 -1.93
CA ILE A 198 29.89 11.68 -2.22
C ILE A 198 28.98 12.83 -1.86
N GLU A 199 27.79 12.84 -2.41
CA GLU A 199 26.91 14.00 -2.31
C GLU A 199 26.26 14.11 -0.94
N PHE A 200 25.89 12.98 -0.36
CA PHE A 200 25.08 13.00 0.85
C PHE A 200 25.90 13.56 2.02
N PHE A 201 27.17 13.19 2.08
CA PHE A 201 28.07 13.79 3.05
C PHE A 201 28.24 15.30 2.93
N GLN A 202 28.03 15.85 1.74
CA GLN A 202 27.98 17.30 1.58
C GLN A 202 26.68 17.94 2.02
N VAL A 203 25.60 17.21 2.21
CA VAL A 203 24.32 17.88 2.50
C VAL A 203 23.66 17.37 3.78
N GLY A 204 24.48 16.99 4.75
CA GLY A 204 23.95 16.64 6.09
C GLY A 204 24.07 15.20 6.56
N MET A 205 24.55 14.29 5.72
CA MET A 205 24.65 12.91 6.20
C MET A 205 25.81 12.86 7.18
N LYS A 206 25.63 12.15 8.30
CA LYS A 206 26.64 12.03 9.35
C LYS A 206 27.12 10.58 9.43
N GLU A 207 28.30 10.38 10.00
CA GLU A 207 28.83 9.04 10.12
C GLU A 207 27.92 8.12 10.92
N ARG A 208 27.20 8.67 11.91
CA ARG A 208 26.30 7.88 12.75
C ARG A 208 25.18 7.24 11.93
N ASP A 209 24.91 7.78 10.74
CA ASP A 209 23.97 7.16 9.79
C ASP A 209 24.47 5.96 8.98
N ILE A 210 25.75 5.62 9.12
CA ILE A 210 26.36 4.50 8.35
C ILE A 210 26.85 3.35 9.23
N VAL A 211 26.45 2.13 8.91
CA VAL A 211 26.99 0.97 9.59
C VAL A 211 27.95 0.28 8.63
N LEU A 212 29.10 -0.17 9.13
CA LEU A 212 30.12 -0.84 8.33
C LEU A 212 30.36 -2.23 8.85
N ILE A 213 30.59 -3.15 7.93
CA ILE A 213 31.02 -4.49 8.31
C ILE A 213 32.44 -4.63 7.76
N LYS A 214 33.33 -5.14 8.61
CA LYS A 214 34.73 -5.32 8.27
C LYS A 214 35.12 -6.76 8.36
N TYR A 215 36.05 -7.16 7.49
CA TYR A 215 36.88 -8.31 7.75
C TYR A 215 38.23 -7.75 8.20
N LYS A 216 38.53 -7.95 9.48
CA LYS A 216 39.70 -7.37 10.13
C LYS A 216 39.71 -5.85 9.94
N THR A 217 40.74 -5.29 9.32
CA THR A 217 40.73 -3.85 9.12
C THR A 217 40.09 -3.43 7.79
N SER A 218 39.64 -4.39 6.98
CA SER A 218 39.06 -4.06 5.69
C SER A 218 37.53 -3.89 5.74
N VAL A 219 37.04 -2.76 5.27
CA VAL A 219 35.60 -2.55 5.00
C VAL A 219 35.16 -3.45 3.86
N ILE A 220 34.18 -4.31 4.13
CA ILE A 220 33.60 -5.17 3.10
C ILE A 220 32.09 -5.01 2.86
N GLY A 221 31.49 -4.02 3.52
CA GLY A 221 30.07 -3.78 3.41
C GLY A 221 29.64 -2.59 4.22
N PHE A 222 28.42 -2.13 3.95
CA PHE A 222 27.81 -1.00 4.65
C PHE A 222 26.27 -1.09 4.53
N SER A 223 25.63 -0.38 5.45
CA SER A 223 24.24 0.02 5.34
C SER A 223 24.16 1.49 5.70
N HIS A 224 23.15 2.15 5.16
CA HIS A 224 22.80 3.51 5.53
C HIS A 224 21.51 3.39 6.31
N ILE A 225 21.56 3.77 7.58
CA ILE A 225 20.39 3.80 8.47
C ILE A 225 19.96 5.24 8.77
N TYR A 226 18.70 5.38 9.15
CA TYR A 226 18.05 6.65 9.36
C TYR A 226 17.21 6.56 10.63
N ASP A 227 17.24 7.62 11.41
CA ASP A 227 16.23 7.78 12.46
C ASP A 227 15.74 9.23 12.49
N ASN A 228 14.96 9.60 13.49
CA ASN A 228 14.51 10.97 13.56
C ASN A 228 15.54 12.03 13.87
N LYS A 229 16.80 11.64 14.07
CA LYS A 229 17.88 12.59 14.16
C LYS A 229 18.67 12.77 12.84
N SER A 230 18.41 11.97 11.81
CA SER A 230 19.13 12.11 10.54
C SER A 230 18.78 13.46 9.94
N SER A 231 19.76 14.27 9.57
CA SER A 231 19.44 15.55 8.96
C SER A 231 19.14 15.42 7.47
N PHE A 232 19.70 14.41 6.80
CA PHE A 232 19.32 14.09 5.43
C PHE A 232 18.09 13.17 5.40
N ILE A 233 17.01 13.64 4.76
CA ILE A 233 15.78 12.84 4.69
C ILE A 233 15.83 11.94 3.45
N GLY A 234 16.41 10.76 3.63
CA GLY A 234 16.67 9.87 2.49
C GLY A 234 15.45 9.05 2.15
N PRO A 235 15.56 8.28 1.07
CA PRO A 235 14.48 7.52 0.51
C PRO A 235 13.70 6.70 1.53
N PRO A 236 14.36 5.99 2.45
CA PRO A 236 13.53 5.24 3.38
C PRO A 236 12.58 6.04 4.27
N ILE A 237 12.91 7.31 4.52
CA ILE A 237 12.16 8.17 5.42
C ILE A 237 11.44 9.34 4.75
N TYR A 238 11.30 9.29 3.43
CA TYR A 238 10.56 10.32 2.74
C TYR A 238 9.17 10.46 3.35
N TRP A 239 8.49 9.33 3.54
CA TRP A 239 7.08 9.34 3.89
C TRP A 239 6.95 9.08 5.40
N LYS A 240 7.88 9.68 6.14
CA LYS A 240 7.96 9.54 7.60
C LYS A 240 6.72 9.99 8.35
N ALA A 241 5.94 10.89 7.75
CA ALA A 241 4.63 11.26 8.32
C ALA A 241 3.65 10.11 8.44
N LEU A 242 3.88 9.06 7.69
CA LEU A 242 3.05 7.86 7.80
C LEU A 242 3.61 6.86 8.81
N LEU A 243 4.80 7.11 9.33
CA LEU A 243 5.53 6.11 10.13
C LEU A 243 5.42 6.34 11.66
N GLY A 244 4.88 7.48 12.07
CA GLY A 244 4.68 7.75 13.48
C GLY A 244 5.92 8.33 14.09
N HIS A 245 5.89 8.39 15.42
CA HIS A 245 7.02 8.86 16.19
C HIS A 245 8.09 7.77 16.21
N ASN A 246 9.33 8.18 16.33
CA ASN A 246 10.42 7.23 16.41
C ASN A 246 10.53 6.39 15.13
N TYR A 247 10.21 7.03 14.00
CA TYR A 247 10.41 6.43 12.69
C TYR A 247 11.89 6.12 12.40
N GLY A 248 12.10 5.22 11.45
CA GLY A 248 13.43 4.99 10.97
C GLY A 248 13.47 4.41 9.57
N GLY A 249 14.66 4.06 9.12
CA GLY A 249 14.78 3.45 7.81
C GLY A 249 16.15 2.84 7.61
N LEU A 250 16.25 2.05 6.55
CA LEU A 250 17.51 1.41 6.21
C LEU A 250 17.55 1.25 4.69
N GLY A 251 18.64 1.68 4.09
CA GLY A 251 18.90 1.44 2.68
C GLY A 251 19.67 2.60 2.09
N PRO A 252 20.67 2.38 1.26
CA PRO A 252 21.07 1.06 0.77
C PRO A 252 21.83 0.19 1.75
N ILE A 253 22.01 -1.05 1.33
CA ILE A 253 22.83 -2.06 2.01
C ILE A 253 23.60 -2.86 0.95
N GLY A 254 24.91 -2.94 1.11
CA GLY A 254 25.74 -3.68 0.16
C GLY A 254 26.94 -4.39 0.78
N ILE A 255 27.25 -5.55 0.23
CA ILE A 255 28.42 -6.32 0.61
C ILE A 255 29.28 -6.52 -0.64
N ASP A 256 30.59 -6.36 -0.48
CA ASP A 256 31.59 -6.60 -1.53
C ASP A 256 31.22 -7.91 -2.20
N LYS A 257 31.23 -7.93 -3.54
CA LYS A 257 30.85 -9.10 -4.32
C LYS A 257 31.57 -10.39 -3.97
N THR A 258 32.86 -10.31 -3.65
CA THR A 258 33.63 -11.51 -3.32
C THR A 258 33.17 -12.15 -2.00
N TYR A 259 32.41 -11.41 -1.20
CA TYR A 259 31.94 -11.86 0.11
C TYR A 259 30.45 -12.19 0.20
N ARG A 260 29.72 -12.23 -0.92
CA ARG A 260 28.27 -12.43 -0.85
C ARG A 260 27.93 -13.90 -0.67
N LYS A 261 26.67 -14.20 -0.41
CA LYS A 261 26.15 -15.56 -0.21
C LYS A 261 26.87 -16.43 0.82
N GLN A 262 27.46 -15.81 1.84
CA GLN A 262 28.03 -16.47 3.02
C GLN A 262 27.36 -16.04 4.35
N GLY A 263 26.17 -15.46 4.33
CA GLY A 263 25.55 -14.96 5.58
C GLY A 263 25.99 -13.61 6.13
N LEU A 264 26.91 -12.90 5.47
CA LEU A 264 27.40 -11.62 5.98
C LEU A 264 26.41 -10.45 5.83
N GLY A 265 25.61 -10.47 4.77
CA GLY A 265 24.55 -9.47 4.62
C GLY A 265 23.51 -9.61 5.72
N ARG A 266 23.22 -10.86 6.08
CA ARG A 266 22.27 -11.19 7.16
C ARG A 266 22.81 -10.65 8.48
N LEU A 267 24.08 -10.86 8.74
CA LEU A 267 24.74 -10.25 9.89
C LEU A 267 24.73 -8.75 9.90
N LEU A 268 25.05 -8.10 8.78
CA LEU A 268 25.06 -6.65 8.73
C LEU A 268 23.63 -6.10 8.93
N LEU A 269 22.66 -6.77 8.31
CA LEU A 269 21.27 -6.39 8.48
C LEU A 269 20.88 -6.51 9.95
N TYR A 270 21.21 -7.65 10.56
CA TYR A 270 20.89 -7.89 11.97
C TYR A 270 21.45 -6.83 12.90
N GLU A 271 22.72 -6.47 12.76
CA GLU A 271 23.31 -5.48 13.64
C GLU A 271 22.77 -4.09 13.36
N SER A 272 22.54 -3.78 12.09
CA SER A 272 21.95 -2.49 11.69
C SER A 272 20.59 -2.28 12.41
N LEU A 273 19.76 -3.31 12.38
CA LEU A 273 18.48 -3.29 13.05
C LEU A 273 18.62 -3.22 14.56
N GLN A 274 19.67 -3.86 15.10
CA GLN A 274 19.91 -3.82 16.54
C GLN A 274 20.25 -2.41 16.95
N ILE A 275 21.10 -1.75 16.15
CA ILE A 275 21.47 -0.34 16.38
C ILE A 275 20.24 0.54 16.32
N LEU A 276 19.39 0.37 15.30
CA LEU A 276 18.15 1.14 15.27
C LEU A 276 17.18 0.87 16.46
N LYS A 277 17.04 -0.39 16.78
CA LYS A 277 16.20 -0.79 17.90
C LYS A 277 16.72 -0.12 19.17
N LYS A 278 18.03 -0.10 19.35
CA LYS A 278 18.62 0.53 20.52
C LYS A 278 18.46 2.04 20.48
N ARG A 279 18.37 2.61 19.28
CA ARG A 279 18.00 4.01 19.08
C ARG A 279 16.52 4.31 19.30
N GLU A 280 15.74 3.32 19.73
CA GLU A 280 14.30 3.47 20.02
C GLU A 280 13.39 3.63 18.78
N VAL A 281 13.91 3.21 17.64
CA VAL A 281 13.15 3.19 16.42
C VAL A 281 12.00 2.18 16.54
N LYS A 282 10.87 2.54 15.95
CA LYS A 282 9.73 1.66 15.92
C LYS A 282 9.49 1.30 14.46
N LYS A 283 8.55 1.95 13.79
CA LYS A 283 8.23 1.63 12.41
C LYS A 283 9.32 2.17 11.51
N MET A 284 9.81 1.34 10.62
CA MET A 284 10.85 1.74 9.69
C MET A 284 10.71 1.03 8.34
N VAL A 285 11.29 1.71 7.36
CA VAL A 285 11.24 1.30 5.97
C VAL A 285 12.59 0.86 5.41
N ILE A 286 12.55 -0.21 4.62
CA ILE A 286 13.65 -0.60 3.80
C ILE A 286 13.15 -0.41 2.34
N ASN A 287 13.79 0.50 1.63
CA ASN A 287 13.26 1.06 0.39
C ASN A 287 13.83 0.39 -0.85
N TRP A 288 13.01 0.38 -1.90
CA TRP A 288 13.44 0.03 -3.25
C TRP A 288 14.12 -1.36 -3.28
N THR A 289 13.34 -2.39 -2.97
CA THR A 289 13.79 -3.78 -3.03
C THR A 289 13.12 -4.49 -4.22
N GLU A 290 13.73 -5.56 -4.69
CA GLU A 290 13.19 -6.40 -5.77
C GLU A 290 12.46 -7.53 -5.13
N LYS A 291 11.55 -8.17 -5.86
CA LYS A 291 10.75 -9.26 -5.31
C LYS A 291 11.55 -10.45 -4.76
N ASP A 292 12.61 -10.81 -5.48
CA ASP A 292 13.47 -11.92 -5.14
C ASP A 292 14.22 -11.75 -3.83
N ILE A 293 14.40 -10.53 -3.35
CA ILE A 293 15.10 -10.30 -2.07
C ILE A 293 14.17 -10.05 -0.87
N ILE A 294 12.86 -10.05 -1.09
CA ILE A 294 11.94 -9.69 -0.02
C ILE A 294 12.05 -10.62 1.18
N ASN A 295 12.22 -11.92 0.94
CA ASN A 295 12.27 -12.87 2.06
C ASN A 295 13.47 -12.75 2.98
N PHE A 296 14.60 -12.32 2.44
CA PHE A 296 15.78 -11.91 3.20
C PHE A 296 15.42 -10.93 4.32
N TYR A 297 14.70 -9.87 3.97
CA TYR A 297 14.14 -8.91 4.94
C TYR A 297 12.95 -9.46 5.69
N GLY A 298 12.12 -10.26 5.03
CA GLY A 298 10.98 -10.93 5.60
C GLY A 298 11.23 -11.71 6.88
N ARG A 299 12.40 -12.32 6.97
CA ARG A 299 12.83 -13.07 8.13
C ARG A 299 13.00 -12.17 9.34
N PHE A 300 13.20 -10.87 9.12
CA PHE A 300 13.27 -9.89 10.19
C PHE A 300 11.96 -9.15 10.41
N ASN A 301 10.89 -9.75 9.89
CA ASN A 301 9.53 -9.31 10.06
C ASN A 301 9.16 -8.08 9.23
N PHE A 302 9.88 -7.82 8.14
CA PHE A 302 9.51 -6.78 7.17
C PHE A 302 8.50 -7.27 6.13
N MET A 303 7.62 -6.38 5.69
CA MET A 303 6.55 -6.73 4.80
C MET A 303 6.51 -5.68 3.70
N PRO A 304 6.19 -6.10 2.46
CA PRO A 304 5.94 -5.06 1.47
C PRO A 304 4.89 -4.03 1.93
N TRP A 305 5.19 -2.75 1.71
CA TRP A 305 4.35 -1.67 2.17
C TRP A 305 3.86 -0.85 0.98
N LYS A 306 4.78 -0.54 0.08
CA LYS A 306 4.48 0.20 -1.13
C LYS A 306 5.09 -0.53 -2.30
N ALA A 307 4.44 -0.42 -3.45
CA ALA A 307 4.90 -1.11 -4.66
C ALA A 307 4.95 -0.10 -5.79
N TYR A 308 5.92 -0.30 -6.68
CA TYR A 308 6.11 0.65 -7.78
C TYR A 308 6.43 -0.14 -9.02
N ARG A 309 5.81 0.28 -10.11
CA ARG A 309 6.04 -0.39 -11.38
C ARG A 309 7.05 0.36 -12.23
N LYS A 310 8.07 -0.39 -12.64
CA LYS A 310 9.06 0.10 -13.57
C LYS A 310 8.39 0.32 -14.93
N ALA A 311 8.65 1.46 -15.55
CA ALA A 311 8.06 1.79 -16.85
C ALA A 311 9.02 2.61 -17.70
N THR A 312 9.17 2.19 -18.95
CA THR A 312 10.21 2.71 -19.84
C THR A 312 9.65 2.90 -21.24
N LYS A 313 9.82 4.10 -21.80
CA LYS A 313 9.52 4.41 -23.20
C LYS A 313 10.81 4.56 -24.05
N GLU A 314 10.87 3.83 -25.14
CA GLU A 314 11.92 3.94 -26.15
C GLU A 314 11.45 4.87 -27.23
N VAL A 315 12.24 5.91 -27.43
CA VAL A 315 11.88 6.94 -28.37
C VAL A 315 12.13 6.37 -29.76
N LYS A 316 11.16 6.56 -30.65
CA LYS A 316 11.13 5.85 -31.94
C LYS A 316 11.71 6.65 -33.12
N MET B 1 5.08 -29.35 19.56
CA MET B 1 4.12 -28.53 18.77
C MET B 1 2.80 -29.30 18.62
N GLU B 2 1.71 -28.78 19.18
CA GLU B 2 0.44 -29.43 19.05
C GLU B 2 -0.54 -28.55 18.28
N ILE B 3 -1.36 -29.20 17.46
CA ILE B 3 -2.37 -28.55 16.66
C ILE B 3 -3.71 -28.88 17.29
N LYS B 4 -4.44 -27.82 17.69
CA LYS B 4 -5.75 -27.98 18.28
C LYS B 4 -6.58 -26.71 18.25
N GLU B 5 -7.88 -26.92 18.32
CA GLU B 5 -8.83 -25.82 18.20
C GLU B 5 -8.58 -24.86 19.36
N THR B 6 -8.67 -23.55 19.10
CA THR B 6 -8.54 -22.54 20.15
C THR B 6 -9.61 -21.48 19.95
N TYR B 7 -10.10 -20.88 21.03
CA TYR B 7 -10.95 -19.66 20.99
C TYR B 7 -10.37 -18.58 21.88
N ASP B 8 -9.06 -18.64 22.05
CA ASP B 8 -8.35 -17.62 22.78
C ASP B 8 -8.08 -16.41 21.87
N PHE B 9 -9.06 -15.52 21.83
CA PHE B 9 -9.00 -14.34 20.97
C PHE B 9 -7.88 -13.36 21.30
N SER B 10 -7.63 -13.07 22.58
CA SER B 10 -6.53 -12.18 22.97
C SER B 10 -5.16 -12.64 22.47
N SER B 11 -4.86 -13.92 22.66
CA SER B 11 -3.63 -14.51 22.15
C SER B 11 -3.56 -14.43 20.63
N ILE B 12 -4.67 -14.66 19.95
CA ILE B 12 -4.64 -14.57 18.50
C ILE B 12 -4.38 -13.15 18.03
N VAL B 13 -5.10 -12.20 18.62
CA VAL B 13 -4.99 -10.79 18.28
C VAL B 13 -3.56 -10.27 18.54
N ASP B 14 -3.00 -10.65 19.68
CA ASP B 14 -1.61 -10.28 20.01
C ASP B 14 -0.62 -10.84 18.98
N LEU B 15 -0.80 -12.11 18.64
CA LEU B 15 0.03 -12.73 17.61
C LEU B 15 -0.16 -12.02 16.26
N TRP B 16 -1.39 -11.66 15.93
CA TRP B 16 -1.70 -10.97 14.70
C TRP B 16 -0.94 -9.66 14.67
N ASN B 17 -1.05 -8.93 15.75
CA ASN B 17 -0.49 -7.61 15.74
C ASN B 17 1.03 -7.61 15.75
N LYS B 18 1.62 -8.58 16.43
CA LYS B 18 3.07 -8.69 16.43
C LYS B 18 3.61 -8.93 15.00
N ASN B 19 2.92 -9.79 14.26
CA ASN B 19 3.42 -10.20 12.96
C ASN B 19 3.07 -9.24 11.83
N ILE B 20 1.83 -8.76 11.79
CA ILE B 20 1.35 -7.95 10.64
C ILE B 20 0.59 -6.69 11.07
N GLY B 21 0.71 -6.32 12.36
CA GLY B 21 -0.06 -5.20 12.92
C GLY B 21 0.31 -3.84 12.37
N THR B 22 1.47 -3.72 11.70
CA THR B 22 1.89 -2.48 11.09
C THR B 22 0.96 -2.06 9.97
N VAL B 23 0.51 -3.03 9.19
CA VAL B 23 -0.32 -2.79 8.03
C VAL B 23 -1.75 -3.29 8.20
N TYR B 24 -2.00 -4.25 9.10
CA TYR B 24 -3.35 -4.69 9.43
C TYR B 24 -3.49 -4.63 10.95
N PRO B 25 -3.60 -3.41 11.51
CA PRO B 25 -3.72 -3.29 12.97
C PRO B 25 -5.06 -3.86 13.44
N MET B 26 -5.00 -4.92 14.23
CA MET B 26 -6.18 -5.63 14.71
C MET B 26 -6.49 -5.20 16.15
N ASN B 27 -7.77 -5.14 16.51
CA ASN B 27 -8.13 -5.02 17.92
C ASN B 27 -9.13 -6.09 18.24
N LEU B 28 -9.21 -6.36 19.53
CA LEU B 28 -10.08 -7.39 20.05
C LEU B 28 -11.54 -7.16 19.71
N GLU B 29 -11.99 -5.91 19.77
CA GLU B 29 -13.39 -5.60 19.44
C GLU B 29 -13.71 -6.04 18.01
N LEU B 30 -12.85 -5.72 17.05
CA LEU B 30 -13.12 -6.12 15.66
C LEU B 30 -13.05 -7.64 15.52
N PHE B 31 -12.02 -8.21 16.14
CA PHE B 31 -11.80 -9.64 16.03
C PHE B 31 -12.98 -10.41 16.58
N LYS B 32 -13.42 -10.07 17.80
CA LYS B 32 -14.62 -10.70 18.35
C LYS B 32 -15.84 -10.44 17.50
N GLN B 33 -16.05 -9.20 17.08
CA GLN B 33 -17.20 -8.87 16.27
C GLN B 33 -17.28 -9.81 15.06
N ASN B 34 -16.18 -9.93 14.33
CA ASN B 34 -16.29 -10.64 13.07
C ASN B 34 -16.36 -12.14 13.32
N TYR B 35 -15.67 -12.67 14.33
CA TYR B 35 -15.73 -14.13 14.51
C TYR B 35 -17.08 -14.55 15.09
N ILE B 36 -17.53 -13.85 16.12
CA ILE B 36 -18.72 -14.28 16.86
C ILE B 36 -19.95 -14.22 15.97
N ASN B 37 -20.08 -13.14 15.20
CA ASN B 37 -21.28 -12.90 14.38
C ASN B 37 -21.36 -13.73 13.10
N ASP B 38 -20.25 -14.30 12.65
CA ASP B 38 -20.30 -15.05 11.41
C ASP B 38 -21.20 -16.31 11.61
N ARG B 39 -22.01 -16.60 10.60
CA ARG B 39 -23.04 -17.64 10.67
C ARG B 39 -22.67 -18.88 9.92
N GLN B 40 -21.46 -18.91 9.36
CA GLN B 40 -21.01 -20.08 8.60
C GLN B 40 -20.43 -21.08 9.59
N ARG B 41 -20.38 -22.33 9.16
CA ARG B 41 -19.63 -23.34 9.87
C ARG B 41 -18.19 -22.86 9.83
N LYS B 42 -17.61 -22.71 11.01
CA LYS B 42 -16.36 -21.99 11.20
C LYS B 42 -15.52 -22.61 12.28
N LYS B 43 -14.20 -22.43 12.20
CA LYS B 43 -13.30 -23.00 13.20
C LYS B 43 -11.99 -22.24 13.22
N ILE B 44 -11.37 -22.13 14.38
CA ILE B 44 -9.98 -21.70 14.53
C ILE B 44 -9.15 -22.87 15.04
N MET B 45 -8.10 -23.20 14.28
CA MET B 45 -7.06 -24.13 14.68
C MET B 45 -5.79 -23.36 15.01
N GLY B 46 -5.29 -23.64 16.21
CA GLY B 46 -4.09 -23.04 16.73
C GLY B 46 -2.97 -24.07 16.69
N ALA B 47 -1.75 -23.56 16.57
CA ALA B 47 -0.55 -24.34 16.78
C ALA B 47 0.08 -23.86 18.09
N PHE B 48 0.49 -24.81 18.90
CA PHE B 48 0.89 -24.54 20.25
C PHE B 48 2.20 -25.19 20.57
N ASN B 49 3.00 -24.38 21.24
CA ASN B 49 4.20 -24.77 21.93
C ASN B 49 3.79 -24.81 23.40
N GLY B 50 3.44 -26.00 23.88
CA GLY B 50 2.88 -26.12 25.20
C GLY B 50 1.60 -25.33 25.24
N GLU B 51 1.54 -24.34 26.12
CA GLU B 51 0.45 -23.40 26.19
C GLU B 51 0.61 -22.08 25.39
N ILE B 52 1.65 -21.96 24.57
CA ILE B 52 1.93 -20.71 23.89
C ILE B 52 1.43 -20.88 22.48
N LEU B 53 0.53 -19.98 22.08
CA LEU B 53 0.02 -19.97 20.72
C LEU B 53 1.11 -19.44 19.82
N ILE B 54 1.49 -20.22 18.81
CA ILE B 54 2.53 -19.78 17.87
C ILE B 54 2.03 -19.71 16.42
N GLY B 55 0.75 -19.97 16.21
CA GLY B 55 0.17 -19.89 14.88
C GLY B 55 -1.30 -20.20 15.00
N PHE B 56 -2.02 -19.82 13.96
CA PHE B 56 -3.43 -20.13 13.80
C PHE B 56 -3.90 -20.05 12.34
N VAL B 57 -5.02 -20.70 12.06
CA VAL B 57 -5.76 -20.62 10.82
C VAL B 57 -7.24 -20.57 11.19
N ILE B 58 -7.96 -19.65 10.55
CA ILE B 58 -9.40 -19.53 10.69
C ILE B 58 -9.99 -19.91 9.36
N TYR B 59 -10.94 -20.84 9.38
CA TYR B 59 -11.51 -21.33 8.16
C TYR B 59 -12.99 -21.56 8.33
N LYS B 60 -13.68 -21.51 7.20
CA LYS B 60 -15.13 -21.58 7.10
C LYS B 60 -15.60 -22.36 5.89
N GLN B 61 -16.84 -22.86 5.96
CA GLN B 61 -17.52 -23.48 4.82
C GLN B 61 -18.82 -22.73 4.67
N TRP B 62 -19.20 -22.47 3.42
CA TRP B 62 -20.47 -21.82 3.16
C TRP B 62 -21.63 -22.80 3.41
N THR B 63 -22.21 -22.62 4.60
CA THR B 63 -23.32 -23.41 5.14
C THR B 63 -24.53 -22.54 5.50
N TYR B 64 -24.45 -21.22 5.40
CA TYR B 64 -25.53 -20.34 5.81
C TYR B 64 -26.00 -19.49 4.64
N LYS B 65 -27.32 -19.39 4.45
CA LYS B 65 -27.91 -18.67 3.33
C LYS B 65 -27.31 -17.27 3.15
N SER B 66 -27.31 -16.79 1.92
CA SER B 66 -26.89 -15.45 1.60
C SER B 66 -28.07 -14.79 0.91
N GLY B 67 -28.95 -14.23 1.73
CA GLY B 67 -30.12 -13.52 1.23
C GLY B 67 -31.04 -14.52 0.59
N SER B 68 -31.25 -14.37 -0.71
CA SER B 68 -32.05 -15.32 -1.47
C SER B 68 -31.26 -16.51 -1.95
N LEU B 69 -29.94 -16.54 -1.77
CA LEU B 69 -29.15 -17.68 -2.19
C LEU B 69 -29.06 -18.70 -1.06
N LYS B 70 -29.33 -19.96 -1.39
CA LYS B 70 -29.00 -21.06 -0.51
C LYS B 70 -27.48 -21.27 -0.51
N PRO B 71 -26.94 -21.84 0.57
CA PRO B 71 -25.51 -21.97 0.65
C PRO B 71 -24.98 -23.07 -0.27
N ASN B 72 -23.81 -22.81 -0.84
CA ASN B 72 -23.12 -23.75 -1.69
C ASN B 72 -22.00 -24.34 -0.85
N HIS B 73 -22.27 -25.55 -0.34
CA HIS B 73 -21.42 -26.29 0.56
C HIS B 73 -20.06 -26.64 -0.06
N LYS B 74 -19.97 -26.49 -1.37
CA LYS B 74 -18.74 -26.74 -2.09
C LYS B 74 -17.69 -25.66 -1.90
N ILE B 75 -18.09 -24.50 -1.37
CA ILE B 75 -17.14 -23.40 -1.24
C ILE B 75 -16.73 -23.35 0.23
N GLY B 76 -15.41 -23.30 0.41
CA GLY B 76 -14.77 -23.03 1.68
C GLY B 76 -13.81 -21.86 1.58
N TYR B 77 -13.39 -21.41 2.75
CA TYR B 77 -12.68 -20.14 2.90
C TYR B 77 -11.57 -20.32 3.92
N ILE B 78 -10.39 -19.83 3.57
CA ILE B 78 -9.37 -19.55 4.56
C ILE B 78 -9.48 -18.06 4.90
N ASN B 79 -10.01 -17.76 6.08
CA ASN B 79 -10.25 -16.40 6.50
C ASN B 79 -8.91 -15.71 6.76
N SER B 80 -7.99 -16.44 7.39
CA SER B 80 -6.69 -15.92 7.77
C SER B 80 -5.76 -17.05 8.29
N ILE B 81 -4.46 -16.90 8.08
CA ILE B 81 -3.52 -17.88 8.61
C ILE B 81 -2.27 -17.07 8.85
N ILE B 82 -1.72 -17.21 10.04
CA ILE B 82 -0.46 -16.54 10.41
C ILE B 82 0.28 -17.46 11.38
N VAL B 83 1.55 -17.67 11.10
CA VAL B 83 2.47 -18.35 11.97
C VAL B 83 3.43 -17.28 12.48
N ASP B 84 3.75 -17.36 13.79
CA ASP B 84 4.60 -16.33 14.38
C ASP B 84 5.99 -16.34 13.74
N ILE B 85 6.56 -15.15 13.59
CA ILE B 85 7.78 -14.91 12.84
C ILE B 85 8.94 -15.73 13.38
N ASN B 86 8.94 -16.00 14.68
CA ASN B 86 10.03 -16.75 15.27
C ASN B 86 9.91 -18.24 15.06
N PHE B 87 8.82 -18.70 14.45
CA PHE B 87 8.56 -20.12 14.25
C PHE B 87 8.27 -20.51 12.81
N ARG B 88 8.73 -19.67 11.89
CA ARG B 88 8.50 -19.81 10.45
C ARG B 88 9.42 -20.89 9.90
N HIS B 89 9.02 -21.50 8.79
CA HIS B 89 9.83 -22.49 8.09
C HIS B 89 10.17 -23.66 8.99
N GLN B 90 9.19 -24.08 9.78
CA GLN B 90 9.32 -25.32 10.55
C GLN B 90 8.16 -26.28 10.30
N GLY B 91 7.39 -26.01 9.26
CA GLY B 91 6.24 -26.82 8.93
C GLY B 91 4.90 -26.53 9.60
N ILE B 92 4.84 -25.49 10.42
CA ILE B 92 3.63 -25.17 11.17
C ILE B 92 2.49 -24.71 10.27
N GLY B 93 2.79 -23.80 9.35
CA GLY B 93 1.82 -23.30 8.38
C GLY B 93 1.20 -24.40 7.56
N THR B 94 2.06 -25.31 7.12
CA THR B 94 1.67 -26.47 6.33
C THR B 94 0.69 -27.35 7.11
N LYS B 95 1.00 -27.62 8.38
CA LYS B 95 0.12 -28.44 9.21
C LYS B 95 -1.23 -27.75 9.50
N LEU B 96 -1.20 -26.44 9.68
CA LEU B 96 -2.44 -25.72 9.99
C LEU B 96 -3.38 -25.74 8.80
N LEU B 97 -2.81 -25.44 7.64
CA LEU B 97 -3.54 -25.41 6.40
C LEU B 97 -4.01 -26.79 6.00
N ASP B 98 -3.14 -27.79 6.11
CA ASP B 98 -3.54 -29.19 5.95
C ASP B 98 -4.72 -29.56 6.84
N ALA B 99 -4.66 -29.15 8.11
CA ALA B 99 -5.77 -29.42 9.05
C ALA B 99 -7.06 -28.75 8.59
N ALA B 100 -6.99 -27.49 8.14
CA ALA B 100 -8.17 -26.77 7.69
C ALA B 100 -8.73 -27.40 6.41
N GLU B 101 -7.84 -27.64 5.47
CA GLU B 101 -8.20 -28.13 4.14
C GLU B 101 -8.80 -29.53 4.23
N GLU B 102 -8.21 -30.38 5.07
CA GLU B 102 -8.71 -31.73 5.21
C GLU B 102 -10.13 -31.75 5.75
N GLU B 103 -10.37 -30.99 6.81
CA GLU B 103 -11.70 -30.85 7.35
C GLU B 103 -12.72 -30.29 6.38
N LEU B 104 -12.39 -29.18 5.74
CA LEU B 104 -13.30 -28.63 4.71
C LEU B 104 -13.61 -29.64 3.62
N ILE B 105 -12.58 -30.33 3.15
CA ILE B 105 -12.69 -31.29 2.04
C ILE B 105 -13.53 -32.50 2.46
N ASN B 106 -13.33 -32.99 3.68
CA ASN B 106 -14.18 -34.05 4.23
C ASN B 106 -15.63 -33.63 4.38
N SER B 107 -15.90 -32.33 4.48
CA SER B 107 -17.28 -31.84 4.54
C SER B 107 -17.85 -31.42 3.20
N GLY B 108 -17.17 -31.75 2.10
CA GLY B 108 -17.71 -31.56 0.78
C GLY B 108 -17.18 -30.36 0.03
N VAL B 109 -16.21 -29.63 0.59
CA VAL B 109 -15.65 -28.46 -0.12
C VAL B 109 -14.81 -28.88 -1.32
N LYS B 110 -15.07 -28.26 -2.45
CA LYS B 110 -14.32 -28.47 -3.68
C LYS B 110 -13.63 -27.21 -4.15
N ILE B 111 -13.99 -26.05 -3.60
CA ILE B 111 -13.37 -24.78 -4.02
C ILE B 111 -12.98 -24.02 -2.77
N LEU B 112 -11.69 -23.72 -2.63
CA LEU B 112 -11.09 -23.13 -1.44
C LEU B 112 -10.58 -21.73 -1.78
N ARG B 113 -11.10 -20.73 -1.07
CA ARG B 113 -10.77 -19.34 -1.36
C ARG B 113 -9.87 -18.77 -0.25
N CYS B 114 -8.89 -17.98 -0.65
CA CYS B 114 -8.10 -17.15 0.28
C CYS B 114 -8.92 -15.88 0.54
N GLY B 115 -9.41 -15.74 1.76
CA GLY B 115 -10.30 -14.66 2.08
C GLY B 115 -11.59 -14.65 1.28
N SER B 116 -12.23 -13.48 1.28
CA SER B 116 -13.49 -13.21 0.62
C SER B 116 -14.73 -13.80 1.32
N ASP B 117 -14.52 -14.42 2.47
CA ASP B 117 -15.60 -14.96 3.33
C ASP B 117 -16.55 -13.88 3.85
N THR B 118 -17.67 -14.29 4.41
CA THR B 118 -18.46 -13.34 5.19
C THR B 118 -17.62 -12.93 6.40
N TYR B 119 -17.81 -11.72 6.88
CA TYR B 119 -17.08 -11.19 8.03
C TYR B 119 -15.57 -11.41 7.79
N HIS B 120 -15.15 -11.24 6.52
CA HIS B 120 -13.73 -11.38 6.18
C HIS B 120 -12.86 -10.32 6.90
N PHE B 121 -11.56 -10.62 6.95
CA PHE B 121 -10.55 -9.66 7.19
C PHE B 121 -9.96 -9.20 5.87
N PHE B 122 -9.93 -10.09 4.88
CA PHE B 122 -9.31 -9.82 3.58
C PHE B 122 -10.16 -10.32 2.43
N PRO B 123 -10.24 -9.56 1.33
CA PRO B 123 -10.86 -10.06 0.14
C PRO B 123 -10.01 -11.05 -0.68
N GLY B 124 -8.72 -11.14 -0.35
CA GLY B 124 -7.75 -11.97 -1.05
C GLY B 124 -6.44 -11.89 -0.29
N ILE B 125 -5.37 -12.36 -0.91
CA ILE B 125 -4.06 -12.31 -0.26
C ILE B 125 -3.56 -10.87 -0.33
N PRO B 126 -3.34 -10.20 0.80
CA PRO B 126 -2.84 -8.85 0.76
C PRO B 126 -1.47 -8.73 0.11
N LEU B 127 -1.23 -7.59 -0.54
CA LEU B 127 0.06 -7.38 -1.19
C LEU B 127 1.16 -7.37 -0.12
N GLU B 128 0.79 -6.96 1.10
CA GLU B 128 1.78 -6.91 2.16
C GLU B 128 2.15 -8.33 2.55
N CYS B 129 1.27 -9.27 2.21
CA CYS B 129 1.54 -10.71 2.37
C CYS B 129 1.97 -11.40 1.07
N LEU B 130 2.53 -10.63 0.13
CA LEU B 130 2.99 -11.18 -1.17
C LEU B 130 3.88 -12.43 -1.04
N PRO B 131 4.78 -12.50 -0.04
CA PRO B 131 5.58 -13.70 0.06
C PRO B 131 4.75 -14.97 0.33
N SER B 132 3.56 -14.81 0.89
CA SER B 132 2.70 -15.95 1.11
C SER B 132 2.18 -16.54 -0.17
N GLU B 133 2.16 -15.80 -1.28
CA GLU B 133 1.66 -16.32 -2.52
C GLU B 133 2.42 -17.58 -2.91
N GLU B 134 3.73 -17.61 -2.69
CA GLU B 134 4.50 -18.80 -3.05
C GLU B 134 4.08 -19.98 -2.20
N PHE B 135 3.73 -19.76 -0.93
CA PHE B 135 3.32 -20.83 -0.04
C PHE B 135 1.99 -21.41 -0.51
N PHE B 136 1.07 -20.53 -0.93
CA PHE B 136 -0.22 -21.00 -1.42
C PHE B 136 -0.07 -21.61 -2.84
N LEU B 137 0.80 -21.03 -3.68
CA LEU B 137 0.98 -21.56 -5.04
C LEU B 137 1.39 -23.05 -5.04
N VAL B 138 2.38 -23.33 -4.21
CA VAL B 138 2.91 -24.66 -4.05
C VAL B 138 1.85 -25.61 -3.52
N ARG B 139 0.86 -25.10 -2.82
CA ARG B 139 -0.20 -25.92 -2.24
C ARG B 139 -1.45 -25.93 -3.11
N GLY B 140 -1.31 -25.57 -4.40
CA GLY B 140 -2.41 -25.73 -5.35
C GLY B 140 -3.33 -24.53 -5.52
N TYR B 141 -3.02 -23.39 -4.90
CA TYR B 141 -3.87 -22.21 -5.09
C TYR B 141 -3.42 -21.53 -6.36
N LYS B 142 -4.37 -21.15 -7.21
CA LYS B 142 -4.04 -20.38 -8.42
C LYS B 142 -4.25 -18.90 -8.08
N MET B 143 -3.26 -18.10 -8.44
CA MET B 143 -3.28 -16.67 -8.20
C MET B 143 -4.00 -15.96 -9.32
N GLN B 144 -5.01 -15.17 -8.98
CA GLN B 144 -5.83 -14.59 -10.03
C GLN B 144 -5.66 -13.06 -10.02
N ASP B 145 -6.78 -12.39 -10.29
CA ASP B 145 -6.93 -10.95 -10.31
CA ASP B 145 -6.92 -10.94 -10.31
C ASP B 145 -6.76 -10.30 -8.92
N TYR B 146 -6.68 -8.96 -8.92
CA TYR B 146 -6.67 -8.15 -7.70
C TYR B 146 -7.92 -7.37 -7.40
N PHE B 147 -8.15 -7.21 -6.10
CA PHE B 147 -9.15 -6.28 -5.62
C PHE B 147 -8.39 -5.19 -4.87
N TYR B 148 -9.01 -4.04 -4.65
CA TYR B 148 -8.35 -2.89 -4.01
C TYR B 148 -9.24 -2.21 -2.96
N ASP B 149 -8.63 -1.80 -1.85
CA ASP B 149 -9.25 -0.77 -1.01
C ASP B 149 -8.71 0.56 -1.48
N LEU B 150 -9.60 1.53 -1.60
CA LEU B 150 -9.20 2.87 -1.98
C LEU B 150 -9.25 3.82 -0.82
N ILE B 151 -8.35 4.80 -0.82
CA ILE B 151 -8.27 5.83 0.21
C ILE B 151 -8.39 7.22 -0.41
N GLY B 152 -9.00 8.12 0.35
CA GLY B 152 -9.12 9.53 0.01
C GLY B 152 -9.39 10.37 1.25
N ASP B 153 -9.02 11.64 1.20
CA ASP B 153 -9.26 12.53 2.31
C ASP B 153 -10.30 13.52 1.84
N VAL B 154 -11.56 13.24 2.14
CA VAL B 154 -12.66 14.11 1.73
C VAL B 154 -12.65 15.53 2.27
N SER B 155 -11.81 15.84 3.25
CA SER B 155 -11.65 17.23 3.70
C SER B 155 -10.82 18.13 2.78
N LYS B 156 -10.19 17.54 1.77
CA LYS B 156 -9.19 18.25 0.99
C LYS B 156 -9.68 18.76 -0.35
N VAL B 157 -10.85 18.35 -0.80
CA VAL B 157 -11.26 18.69 -2.15
C VAL B 157 -12.70 19.16 -2.11
N ASP B 158 -13.04 20.18 -2.89
CA ASP B 158 -14.45 20.47 -3.18
C ASP B 158 -14.84 19.89 -4.53
N PHE B 159 -15.98 19.22 -4.57
CA PHE B 159 -16.58 18.86 -5.85
C PHE B 159 -17.80 19.70 -6.21
N LYS B 160 -17.96 20.01 -7.49
CA LYS B 160 -19.15 20.73 -7.94
C LYS B 160 -20.28 19.73 -8.00
N LYS B 161 -21.50 20.21 -7.74
CA LYS B 161 -22.70 19.36 -7.79
C LYS B 161 -22.75 18.68 -9.15
N PRO B 162 -23.08 17.38 -9.16
CA PRO B 162 -23.28 16.69 -10.42
C PRO B 162 -24.51 17.33 -11.12
N SER B 163 -24.56 17.23 -12.45
CA SER B 163 -25.68 17.74 -13.25
C SER B 163 -27.03 17.44 -12.60
N ILE B 164 -27.82 18.48 -12.33
CA ILE B 164 -29.12 18.28 -11.67
C ILE B 164 -30.04 17.37 -12.53
N LYS B 165 -30.79 16.48 -11.89
CA LYS B 165 -31.58 15.47 -12.62
C LYS B 165 -33.02 15.34 -12.09
N ASP B 166 -33.99 15.60 -12.95
CA ASP B 166 -35.39 15.63 -12.56
C ASP B 166 -35.85 14.31 -11.98
N GLY B 167 -36.35 14.35 -10.75
CA GLY B 167 -36.98 13.18 -10.14
C GLY B 167 -36.16 12.46 -9.09
N PHE B 168 -34.84 12.63 -9.13
CA PHE B 168 -33.94 11.86 -8.28
C PHE B 168 -33.60 12.59 -7.01
N LYS B 169 -33.65 11.91 -5.88
CA LYS B 169 -33.22 12.52 -4.61
C LYS B 169 -32.30 11.59 -3.83
N VAL B 170 -31.31 12.14 -3.14
CA VAL B 170 -30.37 11.33 -2.37
C VAL B 170 -30.45 11.80 -0.92
N ASN B 171 -30.72 10.89 0.01
CA ASN B 171 -30.88 11.27 1.41
C ASN B 171 -30.58 10.10 2.31
N VAL B 172 -30.09 10.43 3.49
CA VAL B 172 -29.85 9.44 4.50
C VAL B 172 -31.19 8.78 4.76
N MET B 173 -31.08 7.51 5.12
CA MET B 173 -32.25 6.65 5.30
C MET B 173 -33.01 7.08 6.54
N LYS B 174 -34.34 7.03 6.48
CA LYS B 174 -35.17 7.20 7.67
C LYS B 174 -35.78 5.86 8.06
N PRO B 175 -36.32 5.72 9.29
CA PRO B 175 -36.93 4.45 9.69
C PRO B 175 -37.97 3.96 8.71
N GLU B 176 -38.87 4.85 8.32
CA GLU B 176 -39.86 4.53 7.29
C GLU B 176 -39.33 3.91 6.00
N ASP B 177 -38.05 4.10 5.67
CA ASP B 177 -37.48 3.60 4.41
C ASP B 177 -37.21 2.08 4.47
N ARG B 178 -37.28 1.51 5.67
CA ARG B 178 -36.80 0.14 5.86
C ARG B 178 -37.43 -0.83 4.87
N LYS B 179 -38.76 -0.82 4.72
CA LYS B 179 -39.43 -1.67 3.75
C LYS B 179 -39.03 -1.42 2.29
N GLY B 180 -38.94 -0.16 1.89
CA GLY B 180 -38.53 0.10 0.51
C GLY B 180 -37.11 -0.37 0.23
N LEU B 181 -36.25 -0.29 1.24
CA LEU B 181 -34.88 -0.69 1.06
C LEU B 181 -34.82 -2.20 0.84
N PHE B 182 -35.54 -2.93 1.69
CA PHE B 182 -35.50 -4.39 1.66
C PHE B 182 -36.11 -4.93 0.38
N GLU B 183 -37.16 -4.28 -0.09
CA GLU B 183 -37.75 -4.66 -1.37
C GLU B 183 -36.79 -4.40 -2.52
N PHE B 184 -36.09 -3.27 -2.48
CA PHE B 184 -35.08 -2.97 -3.48
C PHE B 184 -33.95 -3.99 -3.52
N LEU B 185 -33.46 -4.38 -2.36
CA LEU B 185 -32.38 -5.36 -2.28
C LEU B 185 -32.82 -6.73 -2.78
N GLU B 186 -34.06 -7.07 -2.51
CA GLU B 186 -34.63 -8.35 -2.91
C GLU B 186 -34.69 -8.47 -4.42
N LYS B 187 -34.99 -7.34 -5.04
CA LYS B 187 -35.01 -7.23 -6.49
C LYS B 187 -33.61 -7.17 -7.10
N SER B 188 -32.70 -6.32 -6.58
CA SER B 188 -31.47 -5.92 -7.30
C SER B 188 -30.15 -6.45 -6.77
N PHE B 189 -30.07 -6.74 -5.47
CA PHE B 189 -28.85 -7.22 -4.82
C PHE B 189 -29.18 -8.26 -3.74
N SER B 190 -29.72 -9.39 -4.15
CA SER B 190 -30.49 -10.27 -3.29
C SER B 190 -29.63 -11.36 -2.72
N GLY B 191 -28.33 -11.31 -3.01
CA GLY B 191 -27.43 -12.18 -2.31
C GLY B 191 -26.75 -11.53 -1.09
N ARG B 192 -25.45 -11.36 -1.21
CA ARG B 192 -24.59 -11.02 -0.11
C ARG B 192 -24.97 -9.70 0.50
N TRP B 193 -25.28 -8.72 -0.33
CA TRP B 193 -25.61 -7.41 0.22
C TRP B 193 -26.97 -7.43 0.89
N LEU B 194 -27.91 -8.21 0.36
CA LEU B 194 -29.18 -8.37 1.08
C LEU B 194 -28.89 -9.03 2.43
N GLU B 195 -28.04 -10.05 2.43
CA GLU B 195 -27.74 -10.73 3.70
C GLU B 195 -27.10 -9.81 4.74
N GLU B 196 -26.18 -8.97 4.27
CA GLU B 196 -25.50 -8.02 5.14
C GLU B 196 -26.47 -7.06 5.77
N PHE B 197 -27.36 -6.52 4.96
CA PHE B 197 -28.41 -5.66 5.52
C PHE B 197 -29.27 -6.36 6.56
N ILE B 198 -29.72 -7.59 6.26
CA ILE B 198 -30.46 -8.37 7.24
C ILE B 198 -29.69 -8.42 8.57
N GLU B 199 -28.39 -8.75 8.52
CA GLU B 199 -27.66 -9.09 9.73
C GLU B 199 -27.07 -7.86 10.39
N PHE B 200 -26.62 -6.89 9.60
CA PHE B 200 -26.02 -5.69 10.16
C PHE B 200 -27.07 -4.92 11.00
N PHE B 201 -28.33 -4.84 10.57
CA PHE B 201 -29.33 -4.23 11.43
C PHE B 201 -29.49 -4.93 12.79
N GLN B 202 -29.42 -6.26 12.79
CA GLN B 202 -29.49 -7.02 14.04
C GLN B 202 -28.31 -6.78 15.00
N VAL B 203 -27.13 -6.44 14.51
CA VAL B 203 -26.03 -6.10 15.41
C VAL B 203 -25.69 -4.62 15.35
N GLY B 204 -26.72 -3.80 15.46
CA GLY B 204 -26.55 -2.36 15.63
C GLY B 204 -25.85 -1.59 14.52
N MET B 205 -26.29 -1.80 13.29
CA MET B 205 -26.15 -0.75 12.28
C MET B 205 -27.37 0.16 12.49
N LYS B 206 -27.21 1.43 12.15
CA LYS B 206 -28.26 2.45 12.31
C LYS B 206 -28.57 3.03 10.94
N GLU B 207 -29.75 3.63 10.84
CA GLU B 207 -30.22 4.21 9.59
C GLU B 207 -29.33 5.35 9.12
N ARG B 208 -28.77 6.11 10.06
CA ARG B 208 -27.89 7.23 9.72
C ARG B 208 -26.71 6.79 8.84
N ASP B 209 -26.34 5.51 8.88
CA ASP B 209 -25.23 5.01 8.06
C ASP B 209 -25.60 4.49 6.68
N ILE B 210 -26.87 4.60 6.32
CA ILE B 210 -27.34 4.27 4.96
C ILE B 210 -27.81 5.52 4.20
N VAL B 211 -27.32 5.66 2.97
CA VAL B 211 -27.78 6.69 2.06
C VAL B 211 -28.59 6.04 0.93
N LEU B 212 -29.74 6.64 0.59
CA LEU B 212 -30.58 6.12 -0.47
C LEU B 212 -30.76 7.14 -1.57
N ILE B 213 -30.73 6.60 -2.79
CA ILE B 213 -31.11 7.35 -3.96
C ILE B 213 -32.46 6.81 -4.44
N LYS B 214 -33.38 7.75 -4.59
CA LYS B 214 -34.75 7.53 -5.01
C LYS B 214 -35.03 8.28 -6.31
N TYR B 215 -35.73 7.61 -7.23
CA TYR B 215 -36.43 8.30 -8.31
C TYR B 215 -37.86 8.39 -7.81
N LYS B 216 -38.35 9.62 -7.64
CA LYS B 216 -39.64 9.87 -7.06
C LYS B 216 -39.74 9.07 -5.77
N THR B 217 -40.52 8.02 -5.78
CA THR B 217 -40.85 7.35 -4.54
C THR B 217 -39.94 6.15 -4.33
N SER B 218 -39.32 5.66 -5.39
CA SER B 218 -38.70 4.34 -5.42
C SER B 218 -37.19 4.36 -5.16
N VAL B 219 -36.74 3.52 -4.25
CA VAL B 219 -35.31 3.33 -3.99
C VAL B 219 -34.69 2.66 -5.21
N ILE B 220 -33.72 3.32 -5.82
CA ILE B 220 -33.00 2.75 -6.93
C ILE B 220 -31.54 2.47 -6.65
N GLY B 221 -31.07 2.81 -5.45
CA GLY B 221 -29.69 2.58 -5.12
C GLY B 221 -29.44 2.88 -3.66
N PHE B 222 -28.25 2.54 -3.18
CA PHE B 222 -27.90 2.83 -1.79
C PHE B 222 -26.38 2.87 -1.66
N SER B 223 -25.93 3.43 -0.54
CA SER B 223 -24.54 3.31 -0.11
C SER B 223 -24.57 3.11 1.40
N HIS B 224 -23.54 2.46 1.91
CA HIS B 224 -23.39 2.28 3.34
C HIS B 224 -22.16 3.09 3.67
N ILE B 225 -22.32 4.00 4.63
CA ILE B 225 -21.24 4.90 5.03
C ILE B 225 -20.89 4.72 6.51
N TYR B 226 -19.69 5.16 6.85
CA TYR B 226 -19.13 4.96 8.17
C TYR B 226 -18.37 6.21 8.58
N ASP B 227 -18.46 6.51 9.87
CA ASP B 227 -17.66 7.56 10.45
C ASP B 227 -17.29 7.07 11.84
N ASN B 228 -16.61 7.91 12.61
CA ASN B 228 -16.10 7.49 13.92
C ASN B 228 -17.18 7.31 15.00
N LYS B 229 -18.44 7.55 14.64
CA LYS B 229 -19.57 7.26 15.52
C LYS B 229 -20.33 5.97 15.16
N SER B 230 -20.05 5.37 14.01
CA SER B 230 -20.63 4.09 13.64
C SER B 230 -20.22 3.04 14.67
N SER B 231 -21.12 2.15 15.06
CA SER B 231 -20.81 1.15 16.09
C SER B 231 -20.41 -0.16 15.48
N PHE B 232 -21.06 -0.52 14.36
CA PHE B 232 -20.56 -1.60 13.55
C PHE B 232 -19.25 -1.20 12.84
N ILE B 233 -18.18 -1.93 13.13
CA ILE B 233 -16.90 -1.71 12.50
C ILE B 233 -16.85 -2.56 11.22
N GLY B 234 -17.45 -2.00 10.18
CA GLY B 234 -17.53 -2.65 8.91
C GLY B 234 -16.25 -2.56 8.10
N PRO B 235 -16.19 -3.34 7.02
CA PRO B 235 -15.00 -3.50 6.19
C PRO B 235 -14.27 -2.21 5.85
N PRO B 236 -15.00 -1.13 5.49
CA PRO B 236 -14.27 0.08 5.12
C PRO B 236 -13.43 0.68 6.23
N ILE B 237 -13.82 0.43 7.49
CA ILE B 237 -13.11 0.94 8.65
C ILE B 237 -12.41 -0.11 9.53
N TYR B 238 -12.19 -1.31 9.00
CA TYR B 238 -11.41 -2.31 9.74
C TYR B 238 -10.08 -1.75 10.24
N TRP B 239 -9.40 -1.04 9.35
CA TRP B 239 -8.02 -0.61 9.61
C TRP B 239 -7.99 0.85 9.97
N LYS B 240 -9.04 1.29 10.65
CA LYS B 240 -9.22 2.65 11.11
C LYS B 240 -8.07 3.16 11.96
N ALA B 241 -7.29 2.28 12.61
CA ALA B 241 -6.12 2.80 13.33
C ALA B 241 -5.12 3.43 12.38
N LEU B 242 -5.19 3.15 11.09
CA LEU B 242 -4.35 3.82 10.11
C LEU B 242 -4.95 5.11 9.55
N LEU B 243 -6.17 5.46 9.92
CA LEU B 243 -6.93 6.50 9.21
C LEU B 243 -7.10 7.81 10.02
N GLY B 244 -6.50 7.93 11.19
CA GLY B 244 -6.58 9.18 11.91
C GLY B 244 -7.87 9.29 12.69
N HIS B 245 -8.10 10.44 13.31
CA HIS B 245 -9.18 10.57 14.28
C HIS B 245 -10.54 10.62 13.62
N ASN B 246 -10.62 11.39 12.54
CA ASN B 246 -11.91 11.62 11.89
C ASN B 246 -12.08 10.68 10.71
N TYR B 247 -11.81 9.41 10.97
CA TYR B 247 -11.90 8.37 9.93
C TYR B 247 -13.33 8.17 9.47
N GLY B 248 -13.44 7.75 8.21
CA GLY B 248 -14.69 7.22 7.67
C GLY B 248 -14.50 6.15 6.63
N GLY B 249 -15.61 5.78 5.99
CA GLY B 249 -15.55 4.77 4.94
C GLY B 249 -16.86 4.69 4.18
N LEU B 250 -16.80 4.04 3.02
CA LEU B 250 -17.95 3.83 2.17
C LEU B 250 -17.85 2.50 1.45
N GLY B 251 -18.93 1.75 1.47
CA GLY B 251 -19.04 0.46 0.75
C GLY B 251 -19.93 -0.43 1.59
N PRO B 252 -20.88 -1.16 0.99
CA PRO B 252 -21.05 -1.24 -0.46
C PRO B 252 -21.84 -0.04 -0.97
N ILE B 253 -21.87 0.05 -2.29
CA ILE B 253 -22.60 1.08 -3.00
C ILE B 253 -23.09 0.44 -4.28
N GLY B 254 -24.36 0.61 -4.58
CA GLY B 254 -24.96 -0.01 -5.74
C GLY B 254 -26.15 0.74 -6.26
N ILE B 255 -26.30 0.68 -7.59
CA ILE B 255 -27.42 1.22 -8.34
C ILE B 255 -28.05 0.01 -9.03
N ASP B 256 -29.37 -0.05 -9.03
CA ASP B 256 -30.11 -1.00 -9.85
C ASP B 256 -29.61 -0.99 -11.30
N LYS B 257 -29.38 -2.21 -11.81
CA LYS B 257 -28.78 -2.43 -13.12
C LYS B 257 -29.43 -1.64 -14.24
N THR B 258 -30.75 -1.53 -14.17
CA THR B 258 -31.51 -0.75 -15.12
C THR B 258 -31.01 0.69 -15.24
N TYR B 259 -30.67 1.30 -14.10
CA TYR B 259 -30.33 2.71 -13.99
C TYR B 259 -28.85 3.06 -14.22
N ARG B 260 -28.03 2.07 -14.53
CA ARG B 260 -26.59 2.27 -14.57
C ARG B 260 -26.07 2.94 -15.86
N LYS B 261 -24.87 3.52 -15.79
CA LYS B 261 -24.26 4.24 -16.91
C LYS B 261 -24.99 5.51 -17.34
N GLN B 262 -25.70 6.16 -16.42
CA GLN B 262 -26.37 7.40 -16.69
C GLN B 262 -26.04 8.47 -15.68
N GLY B 263 -24.97 8.26 -14.89
CA GLY B 263 -24.54 9.27 -13.94
C GLY B 263 -25.20 9.22 -12.56
N LEU B 264 -26.08 8.25 -12.34
CA LEU B 264 -26.80 8.16 -11.06
C LEU B 264 -25.96 7.57 -9.94
N GLY B 265 -25.08 6.64 -10.27
CA GLY B 265 -24.06 6.17 -9.33
C GLY B 265 -23.18 7.32 -8.92
N ARG B 266 -22.78 8.12 -9.88
CA ARG B 266 -22.02 9.32 -9.58
C ARG B 266 -22.74 10.27 -8.63
N LEU B 267 -24.04 10.43 -8.79
CA LEU B 267 -24.81 11.33 -7.95
C LEU B 267 -24.87 10.79 -6.51
N LEU B 268 -25.15 9.50 -6.42
CA LEU B 268 -25.15 8.81 -5.12
C LEU B 268 -23.81 8.93 -4.42
N LEU B 269 -22.72 8.75 -5.15
CA LEU B 269 -21.41 8.81 -4.56
C LEU B 269 -21.13 10.22 -4.03
N TYR B 270 -21.34 11.19 -4.92
CA TYR B 270 -21.17 12.60 -4.60
C TYR B 270 -21.90 12.97 -3.32
N GLU B 271 -23.21 12.72 -3.29
CA GLU B 271 -23.98 13.08 -2.10
C GLU B 271 -23.57 12.29 -0.88
N SER B 272 -23.22 11.02 -1.06
CA SER B 272 -22.69 10.22 0.06
C SER B 272 -21.41 10.83 0.64
N LEU B 273 -20.52 11.24 -0.25
CA LEU B 273 -19.30 11.96 0.18
C LEU B 273 -19.61 13.30 0.83
N GLN B 274 -20.59 14.04 0.28
CA GLN B 274 -20.98 15.32 0.89
C GLN B 274 -21.49 15.08 2.30
N ILE B 275 -22.28 14.03 2.47
CA ILE B 275 -22.72 13.67 3.83
C ILE B 275 -21.58 13.42 4.80
N LEU B 276 -20.62 12.58 4.39
CA LEU B 276 -19.47 12.31 5.25
C LEU B 276 -18.65 13.57 5.54
N LYS B 277 -18.49 14.39 4.52
CA LYS B 277 -17.71 15.61 4.66
C LYS B 277 -18.36 16.53 5.70
N LYS B 278 -19.68 16.65 5.64
CA LYS B 278 -20.41 17.42 6.66
C LYS B 278 -20.34 16.80 8.06
N ARG B 279 -20.17 15.49 8.12
CA ARG B 279 -19.89 14.85 9.41
C ARG B 279 -18.44 14.99 9.82
N GLU B 280 -17.66 15.77 9.09
CA GLU B 280 -16.27 16.12 9.44
C GLU B 280 -15.24 15.00 9.21
N VAL B 281 -15.62 14.01 8.42
CA VAL B 281 -14.71 12.94 8.03
C VAL B 281 -13.57 13.54 7.22
N LYS B 282 -12.38 13.02 7.47
CA LYS B 282 -11.20 13.30 6.67
C LYS B 282 -10.79 12.05 5.89
N LYS B 283 -9.78 11.31 6.34
CA LYS B 283 -9.30 10.13 5.61
C LYS B 283 -10.34 9.02 5.65
N MET B 284 -10.61 8.38 4.52
CA MET B 284 -11.68 7.39 4.45
C MET B 284 -11.42 6.39 3.34
N VAL B 285 -12.02 5.21 3.49
CA VAL B 285 -11.71 4.10 2.61
C VAL B 285 -12.98 3.64 1.92
N ILE B 286 -12.84 3.28 0.65
CA ILE B 286 -13.83 2.59 -0.14
C ILE B 286 -13.22 1.20 -0.39
N ASN B 287 -13.81 0.19 0.22
CA ASN B 287 -13.20 -1.12 0.28
C ASN B 287 -13.60 -2.02 -0.87
N TRP B 288 -12.70 -2.94 -1.24
CA TRP B 288 -13.03 -4.08 -2.07
C TRP B 288 -13.63 -3.70 -3.44
N THR B 289 -12.80 -2.99 -4.19
CA THR B 289 -13.11 -2.56 -5.56
C THR B 289 -12.31 -3.35 -6.57
N GLU B 290 -12.93 -3.52 -7.73
CA GLU B 290 -12.26 -4.02 -8.93
C GLU B 290 -11.55 -2.93 -9.73
N LYS B 291 -10.49 -3.34 -10.42
CA LYS B 291 -9.67 -2.46 -11.23
C LYS B 291 -10.47 -1.55 -12.16
N ASP B 292 -11.45 -2.11 -12.86
CA ASP B 292 -12.12 -1.33 -13.89
C ASP B 292 -13.15 -0.34 -13.35
N ILE B 293 -13.39 -0.32 -12.05
CA ILE B 293 -14.18 0.73 -11.41
C ILE B 293 -13.34 1.76 -10.63
N ILE B 294 -12.03 1.58 -10.54
CA ILE B 294 -11.23 2.49 -9.74
C ILE B 294 -11.43 3.96 -10.13
N ASN B 295 -11.38 4.23 -11.44
CA ASN B 295 -11.56 5.58 -11.99
C ASN B 295 -12.89 6.23 -11.66
N PHE B 296 -13.95 5.44 -11.52
CA PHE B 296 -15.22 5.97 -11.03
C PHE B 296 -15.04 6.63 -9.67
N TYR B 297 -14.34 5.96 -8.75
CA TYR B 297 -14.01 6.57 -7.45
C TYR B 297 -12.88 7.59 -7.54
N GLY B 298 -11.99 7.38 -8.51
CA GLY B 298 -10.87 8.28 -8.76
C GLY B 298 -11.27 9.70 -9.08
N ARG B 299 -12.40 9.84 -9.78
CA ARG B 299 -13.03 11.13 -10.08
CA ARG B 299 -12.91 11.16 -10.10
C ARG B 299 -13.12 11.96 -8.81
N PHE B 300 -13.37 11.30 -7.68
CA PHE B 300 -13.45 11.98 -6.39
C PHE B 300 -12.18 11.96 -5.54
N ASN B 301 -11.04 11.72 -6.18
CA ASN B 301 -9.74 11.78 -5.57
C ASN B 301 -9.41 10.55 -4.74
N PHE B 302 -10.11 9.44 -4.91
CA PHE B 302 -9.73 8.20 -4.27
C PHE B 302 -8.60 7.52 -5.04
N MET B 303 -7.72 6.88 -4.28
CA MET B 303 -6.53 6.22 -4.85
C MET B 303 -6.41 4.82 -4.25
N PRO B 304 -6.00 3.84 -5.06
CA PRO B 304 -5.64 2.54 -4.46
C PRO B 304 -4.72 2.64 -3.27
N TRP B 305 -5.06 1.90 -2.22
CA TRP B 305 -4.38 1.97 -0.96
C TRP B 305 -3.82 0.61 -0.58
N LYS B 306 -4.68 -0.39 -0.59
CA LYS B 306 -4.35 -1.78 -0.36
C LYS B 306 -4.81 -2.64 -1.52
N ALA B 307 -4.03 -3.65 -1.87
CA ALA B 307 -4.39 -4.55 -2.94
C ALA B 307 -4.40 -5.96 -2.39
N TYR B 308 -5.31 -6.78 -2.88
CA TYR B 308 -5.45 -8.15 -2.42
C TYR B 308 -5.56 -9.02 -3.66
N ARG B 309 -4.76 -10.09 -3.71
CA ARG B 309 -4.91 -11.05 -4.78
C ARG B 309 -5.91 -12.14 -4.51
N LYS B 310 -6.84 -12.27 -5.44
CA LYS B 310 -7.76 -13.40 -5.44
C LYS B 310 -7.01 -14.73 -5.63
N ALA B 311 -7.30 -15.73 -4.79
CA ALA B 311 -6.58 -17.00 -4.82
C ALA B 311 -7.48 -18.13 -4.48
N THR B 312 -7.48 -19.13 -5.36
CA THR B 312 -8.50 -20.18 -5.34
C THR B 312 -7.84 -21.54 -5.60
N LYS B 313 -8.17 -22.50 -4.76
CA LYS B 313 -7.74 -23.87 -4.96
C LYS B 313 -8.94 -24.73 -5.27
N GLU B 314 -8.84 -25.43 -6.39
CA GLU B 314 -9.82 -26.42 -6.78
C GLU B 314 -9.32 -27.78 -6.32
N VAL B 315 -10.15 -28.49 -5.56
CA VAL B 315 -9.89 -29.84 -5.10
C VAL B 315 -10.11 -30.79 -6.28
N LYS B 316 -9.04 -31.36 -6.84
CA LYS B 316 -9.14 -32.13 -8.10
C LYS B 316 -9.74 -33.52 -7.85
C1 NAG C . 18.36 0.53 -3.93
C2 NAG C . 18.49 0.58 -2.42
C3 NAG C . 17.91 1.88 -1.89
C4 NAG C . 18.53 3.05 -2.61
C5 NAG C . 18.44 2.84 -4.14
C6 NAG C . 19.06 3.98 -4.92
C7 NAG C . 18.49 -1.41 -1.01
C8 NAG C . 17.66 -2.35 -0.20
N2 NAG C . 17.82 -0.48 -1.70
O1 NAG C . 18.96 -0.66 -4.38
O3 NAG C . 18.17 1.99 -0.50
O4 NAG C . 17.84 4.23 -2.20
O5 NAG C . 19.09 1.62 -4.48
O6 NAG C . 20.41 4.21 -4.51
O7 NAG C . 19.73 -1.49 -0.99
N1A COA D . 14.07 32.24 -12.25
C2A COA D . 14.19 32.10 -10.92
N3A COA D . 13.24 32.50 -10.05
C4A COA D . 12.09 33.04 -10.52
C5A COA D . 11.88 33.21 -11.96
C6A COA D . 12.97 32.77 -12.83
N6A COA D . 12.83 32.89 -14.18
N7A COA D . 10.67 33.79 -12.12
C8A COA D . 10.13 33.97 -10.91
N9A COA D . 10.99 33.53 -9.97
C1B COA D . 10.81 33.53 -8.50
C2B COA D . 10.01 34.72 -7.98
O2B COA D . 10.80 35.89 -7.92
C3B COA D . 9.62 34.14 -6.64
O3B COA D . 10.70 34.14 -5.74
P3B COA D . 10.70 35.09 -4.43
O7A COA D . 9.47 34.75 -3.63
O8A COA D . 11.98 34.63 -3.76
O9A COA D . 10.65 36.45 -5.13
C4B COA D . 9.37 32.67 -6.90
O4B COA D . 10.10 32.36 -8.08
C5B COA D . 7.89 32.38 -7.12
O5B COA D . 7.41 33.28 -8.13
P1A COA D . 5.97 33.09 -8.82
O1A COA D . 5.00 32.92 -7.66
O2A COA D . 5.68 33.90 -10.06
O3A COA D . 6.26 31.63 -9.44
P2A COA D . 5.31 30.77 -10.39
O4A COA D . 6.07 29.48 -10.47
O5A COA D . 3.84 30.76 -9.96
O6A COA D . 5.43 31.51 -11.81
CCP COA D . 6.64 31.60 -12.59
N1A ACO E . -9.74 16.65 -23.38
C2A ACO E . -10.43 15.76 -22.64
N3A ACO E . -9.97 14.53 -22.40
C4A ACO E . -8.77 14.17 -22.90
C5A ACO E . -7.95 15.07 -23.72
C6A ACO E . -8.56 16.40 -23.95
N6A ACO E . -7.96 17.38 -24.68
N7A ACO E . -6.83 14.39 -24.06
C8A ACO E . -6.92 13.15 -23.52
N9A ACO E . -8.07 13.05 -22.82
C1B ACO E . -8.66 11.91 -22.05
C2B ACO E . -8.18 10.60 -22.66
O2B ACO E . -9.31 9.75 -22.53
C3B ACO E . -6.99 10.30 -21.78
O3B ACO E . -6.96 8.90 -21.55
P3B ACO E . -5.62 8.11 -21.93
O7A ACO E . -4.55 8.98 -21.35
O8A ACO E . -5.77 6.74 -21.31
O9A ACO E . -5.72 8.13 -23.44
C4B ACO E . -7.27 10.99 -20.44
O4B ACO E . -8.29 11.95 -20.68
C5B ACO E . -6.07 11.65 -19.75
O5B ACO E . -5.33 12.52 -20.59
P1A ACO E . -5.07 13.99 -20.02
O1A ACO E . -6.36 14.74 -19.80
O2A ACO E . -4.10 14.57 -21.01
O3A ACO E . -4.30 13.72 -18.63
P2A ACO E . -4.69 14.38 -17.23
O4A ACO E . -4.51 15.86 -17.34
O5A ACO E . -6.04 13.86 -16.79
O6A ACO E . -3.50 13.87 -16.27
CBP ACO E . -2.45 12.23 -14.86
CCP ACO E . -3.05 12.53 -16.20
CDP ACO E . -1.16 13.03 -14.73
CEP ACO E . -2.06 10.75 -14.81
CAP ACO E . -3.49 12.58 -13.78
OAP ACO E . -4.52 11.62 -13.80
C9P ACO E . -2.92 12.59 -12.38
O9P ACO E . -2.31 13.57 -11.98
N8P ACO E . -3.10 11.50 -11.62
C7P ACO E . -2.62 11.43 -10.26
C6P ACO E . -1.08 11.55 -10.13
C5P ACO E . -0.33 10.45 -10.79
O5P ACO E . -0.78 9.30 -10.73
N4P ACO E . 0.79 10.77 -11.43
C3P ACO E . 1.65 9.75 -12.03
C2P ACO E . 2.53 9.06 -10.97
S1P ACO E . 3.93 8.23 -11.64
C ACO E . 5.07 9.37 -12.10
O ACO E . 4.80 10.54 -12.13
CH3 ACO E . 6.45 8.94 -12.51
O5B COA F . 24.53 -14.39 2.39
P1A COA F . 23.47 -13.50 2.76
O1A COA F . 22.10 -13.93 2.66
O2A COA F . 23.64 -12.97 4.17
O3A COA F . 23.53 -12.20 1.89
P2A COA F . 24.67 -11.45 1.18
O4A COA F . 24.85 -11.91 -0.14
O5A COA F . 25.81 -11.22 1.98
O6A COA F . 24.06 -10.03 1.10
CBP COA F . 23.21 -8.33 -0.28
CCP COA F . 22.90 -9.65 0.43
CDP COA F . 21.99 -7.87 -1.02
CEP COA F . 23.60 -7.27 0.71
CAP COA F . 24.32 -8.54 -1.29
OAP COA F . 23.96 -9.57 -2.18
C9P COA F . 24.62 -7.28 -2.04
O9P COA F . 25.16 -6.38 -1.55
N8P COA F . 24.26 -7.28 -3.29
C7P COA F . 24.39 -6.13 -4.13
C6P COA F . 23.26 -5.18 -3.84
C5P COA F . 22.08 -5.46 -4.69
O5P COA F . 22.30 -5.82 -5.81
C1 EDO G . 5.30 -11.01 8.26
O1 EDO G . 5.33 -11.46 9.63
C2 EDO G . 6.69 -10.61 7.73
O2 EDO G . 7.65 -11.68 7.64
CL CL H . 12.37 24.77 -13.30
C1 NAG I . -17.79 -5.18 -2.27
C2 NAG I . -18.12 -3.80 -1.71
C3 NAG I . -17.77 -3.78 -0.22
C4 NAG I . -18.36 -4.95 0.55
C5 NAG I . -18.11 -6.26 -0.18
C6 NAG I . -18.79 -7.48 0.44
C7 NAG I . -18.09 -1.69 -2.95
C8 NAG I . -17.20 -0.60 -3.43
N2 NAG I . -17.43 -2.69 -2.34
O1 NAG I . -18.29 -5.19 -3.58
O3 NAG I . -18.12 -2.52 0.37
O4 NAG I . -17.75 -4.97 1.84
O5 NAG I . -18.53 -6.14 -1.55
O6 NAG I . -20.22 -7.37 0.37
O7 NAG I . -19.31 -1.62 -3.14
N1 TMA J . -20.71 -15.69 0.68
C1 TMA J . -21.61 -14.56 0.91
C2 TMA J . -19.35 -15.16 0.79
C3 TMA J . -20.91 -16.75 1.67
C4 TMA J . -20.98 -16.19 -0.66
N1A ACO K . 13.37 -26.19 7.88
C2A ACO K . 13.33 -25.39 6.80
N3A ACO K . 12.22 -25.30 6.02
C4A ACO K . 11.11 -26.00 6.33
C5A ACO K . 11.07 -26.90 7.49
C6A ACO K . 12.32 -26.93 8.29
N6A ACO K . 12.32 -27.74 9.38
N7A ACO K . 9.85 -27.49 7.57
C8A ACO K . 9.16 -27.00 6.51
N9A ACO K . 9.90 -26.13 5.77
C1B ACO K . 9.55 -25.34 4.57
C2B ACO K . 8.31 -25.85 3.85
O2B ACO K . 8.58 -27.02 3.08
C3B ACO K . 7.85 -24.63 3.05
O3B ACO K . 8.44 -24.56 1.75
P3B ACO K . 7.46 -24.82 0.49
O7A ACO K . 6.34 -23.83 0.61
O8A ACO K . 8.45 -24.52 -0.58
O9A ACO K . 6.90 -26.24 0.62
C4B ACO K . 8.31 -23.47 3.92
O4B ACO K . 9.23 -23.96 4.91
C5B ACO K . 7.11 -22.78 4.56
O5B ACO K . 6.27 -23.79 5.09
P1A ACO K . 5.83 -23.84 6.62
O1A ACO K . 6.99 -23.64 7.55
O2A ACO K . 4.91 -25.01 6.76
O3A ACO K . 4.90 -22.51 6.76
P2A ACO K . 5.12 -21.33 7.87
O4A ACO K . 4.90 -21.91 9.26
O5A ACO K . 6.43 -20.67 7.64
O6A ACO K . 3.83 -20.42 7.48
CBP ACO K . 2.89 -18.53 6.43
CCP ACO K . 3.70 -19.78 6.23
CDP ACO K . 1.64 -18.85 7.28
CEP ACO K . 2.45 -17.99 5.08
CAP ACO K . 3.79 -17.52 7.15
OAP ACO K . 4.87 -17.17 6.32
C9P ACO K . 3.05 -16.29 7.62
O9P ACO K . 2.40 -16.32 8.65
N8P ACO K . 3.25 -15.21 6.90
C7P ACO K . 2.72 -13.92 7.33
C6P ACO K . 1.19 -13.91 7.35
C5P ACO K . 0.61 -14.20 6.01
O5P ACO K . 1.14 -13.71 5.04
N4P ACO K . -0.48 -14.96 5.94
C3P ACO K . -1.23 -15.19 4.72
C2P ACO K . -2.14 -13.97 4.50
S1P ACO K . -3.39 -14.30 3.33
C ACO K . -4.50 -15.18 4.19
O ACO K . -4.29 -15.39 5.37
CH3 ACO K . -5.74 -15.65 3.49
O5B COA L . -20.96 6.41 -13.78
P1A COA L . -22.31 6.22 -13.40
O1A COA L . -23.27 6.07 -14.42
O2A COA L . -22.73 7.39 -12.56
O3A COA L . -22.34 4.93 -12.52
P2A COA L . -23.41 3.83 -12.41
O4A COA L . -23.27 2.85 -13.37
O5A COA L . -24.67 4.46 -12.07
O6A COA L . -23.10 3.13 -11.06
CBP COA L . -21.98 1.44 -9.77
CCP COA L . -21.86 2.63 -10.70
CDP COA L . -20.57 0.87 -9.54
CEP COA L . -22.65 1.92 -8.52
CAP COA L . -22.87 0.39 -10.41
OAP COA L . -22.16 -0.12 -11.49
C9P COA L . -23.24 -0.71 -9.47
O9P COA L . -24.15 -0.68 -8.75
N8P COA L . -22.51 -1.77 -9.59
C7P COA L . -23.02 -3.06 -9.30
C6P COA L . -22.53 -3.45 -7.96
C5P COA L . -21.06 -3.60 -8.15
O5P COA L . -20.59 -4.61 -8.52
C1 EDO M . -18.54 -16.45 -3.16
O1 EDO M . -17.67 -17.09 -2.22
C2 EDO M . -19.35 -17.55 -3.77
O2 EDO M . -18.36 -18.41 -4.34
#